data_8BDW
#
_entry.id   8BDW
#
_cell.length_a   120.060
_cell.length_b   120.060
_cell.length_c   230.915
_cell.angle_alpha   90.00
_cell.angle_beta   90.00
_cell.angle_gamma   120.00
#
_symmetry.space_group_name_H-M   'P 32 2 1'
#
loop_
_entity.id
_entity.type
_entity.pdbx_description
1 polymer 'Cell surface adherence protein,collagen-binding domain, LPXTG-motif cell wall anchor'
2 non-polymer GLYCEROL
3 non-polymer 'SULFATE ION'
4 non-polymer 2-AMINO-2-HYDROXYMETHYL-PROPANE-1,3-DIOL
5 water water
#
_entity_poly.entity_id   1
_entity_poly.type   'polypeptide(L)'
_entity_poly.pdbx_seq_one_letter_code
;STGDVTLTKTDATTKAALAGAVYELQDATGKVLKMGLTTDTTGQLTVSGLTAGNYQFVETKAPSGYQLNAAPLSFTIKPN
QTAVVTVAATDEPVTEPG
;
_entity_poly.pdbx_strand_id   A,B,C,D,E,F,G,H,I,J,K,L
#
loop_
_chem_comp.id
_chem_comp.type
_chem_comp.name
_chem_comp.formula
GOL non-polymer GLYCEROL 'C3 H8 O3'
SO4 non-polymer 'SULFATE ION' 'O4 S -2'
TRS non-polymer 2-AMINO-2-HYDROXYMETHYL-PROPANE-1,3-DIOL 'C4 H12 N O3 1'
#
# COMPACT_ATOMS: atom_id res chain seq x y z
N SER A 1 5.52 4.38 -23.61
CA SER A 1 4.74 3.89 -24.75
C SER A 1 4.06 2.55 -24.44
N THR A 2 2.81 2.41 -24.84
CA THR A 2 2.11 1.13 -24.81
C THR A 2 1.59 0.88 -26.22
N GLY A 3 1.12 -0.35 -26.50
CA GLY A 3 0.52 -0.65 -27.79
C GLY A 3 -0.72 -1.49 -27.62
N ASP A 4 -1.41 -1.73 -28.74
CA ASP A 4 -2.70 -2.42 -28.79
C ASP A 4 -2.56 -3.68 -29.63
N VAL A 5 -3.44 -4.64 -29.38
CA VAL A 5 -3.51 -5.87 -30.15
C VAL A 5 -4.98 -6.18 -30.37
N THR A 6 -5.28 -6.68 -31.55
CA THR A 6 -6.62 -7.14 -31.90
C THR A 6 -6.51 -8.56 -32.38
N LEU A 7 -7.39 -9.42 -31.90
CA LEU A 7 -7.45 -10.78 -32.41
C LEU A 7 -8.75 -10.91 -33.21
N THR A 8 -8.70 -11.57 -34.37
CA THR A 8 -9.93 -11.86 -35.13
C THR A 8 -10.15 -13.35 -35.23
N LYS A 9 -11.36 -13.80 -34.89
CA LYS A 9 -11.67 -15.23 -34.80
C LYS A 9 -12.64 -15.64 -35.90
N THR A 10 -12.33 -16.73 -36.63
CA THR A 10 -13.23 -17.22 -37.66
C THR A 10 -13.46 -18.71 -37.56
N ASP A 11 -14.52 -19.14 -38.24
CA ASP A 11 -14.72 -20.53 -38.63
C ASP A 11 -13.73 -20.83 -39.74
N ALA A 12 -12.87 -21.85 -39.54
CA ALA A 12 -11.83 -22.14 -40.53
C ALA A 12 -12.40 -22.53 -41.89
N THR A 13 -13.58 -23.13 -41.95
CA THR A 13 -14.05 -23.60 -43.24
C THR A 13 -14.83 -22.56 -44.02
N THR A 14 -15.47 -21.59 -43.36
CA THR A 14 -16.22 -20.56 -44.05
C THR A 14 -15.56 -19.20 -44.00
N LYS A 15 -14.56 -19.00 -43.12
CA LYS A 15 -13.92 -17.70 -42.90
C LYS A 15 -14.90 -16.68 -42.30
N ALA A 16 -16.02 -17.13 -41.75
CA ALA A 16 -16.98 -16.24 -41.10
C ALA A 16 -16.59 -15.96 -39.64
N ALA A 17 -16.83 -14.73 -39.20
CA ALA A 17 -16.53 -14.32 -37.83
C ALA A 17 -17.32 -15.16 -36.83
N LEU A 18 -16.69 -15.48 -35.70
CA LEU A 18 -17.38 -16.15 -34.60
C LEU A 18 -17.36 -15.27 -33.36
N ALA A 19 -18.52 -15.08 -32.76
CA ALA A 19 -18.64 -14.39 -31.47
C ALA A 19 -18.51 -15.41 -30.35
N GLY A 20 -18.10 -14.91 -29.18
CA GLY A 20 -18.18 -15.75 -28.01
C GLY A 20 -16.99 -16.68 -27.82
N ALA A 21 -15.94 -16.59 -28.65
CA ALA A 21 -14.68 -17.31 -28.31
C ALA A 21 -14.00 -16.61 -27.14
N VAL A 22 -13.50 -17.39 -26.17
CA VAL A 22 -12.92 -16.84 -24.95
C VAL A 22 -11.42 -17.17 -24.93
N TYR A 23 -10.61 -16.17 -24.55
CA TYR A 23 -9.16 -16.25 -24.60
C TYR A 23 -8.53 -15.75 -23.31
N GLU A 24 -7.38 -16.35 -22.94
CA GLU A 24 -6.42 -15.81 -21.98
C GLU A 24 -5.34 -15.06 -22.73
N LEU A 25 -4.82 -14.01 -22.09
CA LEU A 25 -3.59 -13.36 -22.53
C LEU A 25 -2.50 -13.79 -21.57
N GLN A 26 -1.43 -14.40 -22.11
CA GLN A 26 -0.29 -14.85 -21.31
C GLN A 26 0.97 -14.11 -21.72
N ASP A 27 1.93 -14.00 -20.81
CA ASP A 27 3.22 -13.56 -21.25
C ASP A 27 3.87 -14.72 -22.00
N ALA A 28 5.06 -14.49 -22.56
CA ALA A 28 5.74 -15.56 -23.31
C ALA A 28 6.15 -16.77 -22.45
N THR A 29 6.20 -16.65 -21.12
CA THR A 29 6.46 -17.85 -20.32
C THR A 29 5.22 -18.69 -20.04
N GLY A 30 4.03 -18.22 -20.42
CA GLY A 30 2.81 -18.92 -20.11
C GLY A 30 2.06 -18.39 -18.91
N LYS A 31 2.62 -17.39 -18.23
CA LYS A 31 1.93 -16.82 -17.06
C LYS A 31 0.68 -16.06 -17.52
N VAL A 32 -0.49 -16.39 -16.93
CA VAL A 32 -1.73 -15.72 -17.34
C VAL A 32 -1.78 -14.31 -16.78
N LEU A 33 -1.97 -13.31 -17.65
CA LEU A 33 -2.06 -11.91 -17.24
C LEU A 33 -3.49 -11.38 -17.28
N LYS A 34 -4.30 -11.83 -18.24
CA LYS A 34 -5.70 -11.44 -18.33
C LYS A 34 -6.49 -12.67 -18.77
N MET A 35 -7.76 -12.76 -18.37
CA MET A 35 -8.55 -13.89 -18.82
C MET A 35 -9.95 -13.39 -19.19
N GLY A 36 -10.71 -14.25 -19.87
CA GLY A 36 -12.10 -13.92 -20.18
C GLY A 36 -12.30 -12.99 -21.35
N LEU A 37 -11.27 -12.82 -22.20
CA LEU A 37 -11.36 -11.90 -23.33
C LEU A 37 -12.20 -12.56 -24.41
N THR A 38 -13.35 -11.97 -24.78
CA THR A 38 -14.34 -12.67 -25.56
C THR A 38 -14.59 -11.95 -26.88
N THR A 39 -14.68 -12.71 -27.98
CA THR A 39 -14.84 -12.07 -29.31
C THR A 39 -16.27 -11.58 -29.50
N ASP A 40 -16.42 -10.50 -30.28
CA ASP A 40 -17.74 -9.91 -30.48
C ASP A 40 -18.33 -10.41 -31.81
N THR A 41 -19.43 -9.77 -32.29
CA THR A 41 -20.09 -10.33 -33.47
C THR A 41 -19.28 -10.12 -34.74
N THR A 42 -18.27 -9.24 -34.74
CA THR A 42 -17.35 -9.15 -35.87
C THR A 42 -16.16 -10.10 -35.70
N GLY A 43 -16.22 -10.96 -34.69
CA GLY A 43 -15.16 -11.91 -34.44
C GLY A 43 -13.95 -11.31 -33.75
N GLN A 44 -14.05 -10.09 -33.23
CA GLN A 44 -12.86 -9.39 -32.73
C GLN A 44 -12.84 -9.23 -31.22
N LEU A 45 -11.61 -9.17 -30.69
CA LEU A 45 -11.37 -8.64 -29.35
C LEU A 45 -10.10 -7.79 -29.45
N THR A 46 -10.00 -6.79 -28.56
CA THR A 46 -8.87 -5.87 -28.59
C THR A 46 -8.39 -5.63 -27.16
N VAL A 47 -7.08 -5.67 -26.94
CA VAL A 47 -6.52 -5.31 -25.65
C VAL A 47 -5.68 -4.07 -25.91
N SER A 48 -5.96 -3.00 -25.20
N SER A 48 -5.96 -2.99 -25.19
CA SER A 48 -5.17 -1.79 -25.42
CA SER A 48 -5.24 -1.74 -25.38
C SER A 48 -4.24 -1.59 -24.23
C SER A 48 -4.38 -1.43 -24.17
N GLY A 49 -3.30 -0.68 -24.40
CA GLY A 49 -2.47 -0.26 -23.29
C GLY A 49 -1.46 -1.28 -22.80
N LEU A 50 -1.05 -2.21 -23.66
CA LEU A 50 -0.05 -3.21 -23.26
C LEU A 50 1.35 -2.63 -23.30
N THR A 51 2.16 -2.93 -22.29
CA THR A 51 3.56 -2.51 -22.40
C THR A 51 4.31 -3.40 -23.40
N ALA A 52 5.40 -2.87 -23.94
CA ALA A 52 6.18 -3.67 -24.89
C ALA A 52 6.62 -5.00 -24.24
N GLY A 53 6.61 -6.05 -25.03
CA GLY A 53 6.94 -7.37 -24.54
C GLY A 53 6.44 -8.43 -25.50
N ASN A 54 6.70 -9.68 -25.12
CA ASN A 54 6.30 -10.85 -25.91
C ASN A 54 5.13 -11.55 -25.23
N TYR A 55 4.04 -11.76 -25.97
CA TYR A 55 2.80 -12.27 -25.40
C TYR A 55 2.29 -13.44 -26.22
N GLN A 56 1.22 -14.06 -25.74
CA GLN A 56 0.51 -15.05 -26.54
C GLN A 56 -0.95 -15.14 -26.07
N PHE A 57 -1.86 -15.32 -27.03
CA PHE A 57 -3.25 -15.60 -26.71
C PHE A 57 -3.40 -17.11 -26.63
N VAL A 58 -4.21 -17.59 -25.70
CA VAL A 58 -4.55 -19.01 -25.62
C VAL A 58 -6.06 -19.14 -25.49
N GLU A 59 -6.67 -19.92 -26.38
CA GLU A 59 -8.13 -20.10 -26.33
C GLU A 59 -8.51 -20.95 -25.11
N THR A 60 -9.53 -20.50 -24.36
CA THR A 60 -10.03 -21.23 -23.20
C THR A 60 -11.44 -21.76 -23.37
N LYS A 61 -12.26 -21.16 -24.23
CA LYS A 61 -13.51 -21.79 -24.60
C LYS A 61 -13.75 -21.47 -26.05
N ALA A 62 -13.98 -22.49 -26.85
CA ALA A 62 -14.30 -22.33 -28.26
C ALA A 62 -15.79 -22.02 -28.39
N PRO A 63 -16.19 -21.30 -29.44
CA PRO A 63 -17.63 -21.09 -29.65
C PRO A 63 -18.35 -22.41 -29.77
N SER A 64 -19.60 -22.44 -29.30
CA SER A 64 -20.41 -23.64 -29.40
C SER A 64 -20.41 -24.18 -30.84
N GLY A 65 -20.19 -25.49 -30.98
CA GLY A 65 -20.09 -26.09 -32.29
C GLY A 65 -18.68 -26.18 -32.84
N TYR A 66 -17.67 -25.70 -32.12
CA TYR A 66 -16.30 -25.66 -32.59
C TYR A 66 -15.37 -26.37 -31.62
N GLN A 67 -14.26 -26.87 -32.14
CA GLN A 67 -13.27 -27.58 -31.34
C GLN A 67 -12.29 -26.61 -30.70
N LEU A 68 -12.03 -26.82 -29.41
CA LEU A 68 -11.05 -26.01 -28.70
C LEU A 68 -9.66 -26.32 -29.22
N ASN A 69 -8.86 -25.28 -29.48
CA ASN A 69 -7.46 -25.43 -29.87
C ASN A 69 -6.67 -24.46 -29.00
N ALA A 70 -6.03 -24.97 -27.96
CA ALA A 70 -5.35 -24.11 -26.99
C ALA A 70 -3.92 -23.75 -27.40
N ALA A 71 -3.50 -24.07 -28.61
CA ALA A 71 -2.16 -23.72 -29.05
C ALA A 71 -1.97 -22.19 -28.97
N PRO A 72 -0.88 -21.72 -28.39
CA PRO A 72 -0.70 -20.28 -28.23
C PRO A 72 -0.51 -19.57 -29.56
N LEU A 73 -1.12 -18.39 -29.66
CA LEU A 73 -0.96 -17.47 -30.78
C LEU A 73 -0.05 -16.33 -30.29
N SER A 74 1.26 -16.39 -30.66
CA SER A 74 2.26 -15.43 -30.19
C SER A 74 2.19 -14.09 -30.91
N PHE A 75 2.50 -13.03 -30.17
CA PHE A 75 2.70 -11.72 -30.79
C PHE A 75 3.62 -10.90 -29.90
N THR A 76 4.17 -9.83 -30.48
CA THR A 76 5.08 -8.94 -29.79
C THR A 76 4.56 -7.52 -29.89
N ILE A 77 4.53 -6.80 -28.75
CA ILE A 77 4.35 -5.35 -28.76
C ILE A 77 5.73 -4.71 -28.74
N LYS A 78 6.05 -3.88 -29.78
CA LYS A 78 7.35 -3.26 -29.70
C LYS A 78 7.29 -1.92 -28.98
N PRO A 79 8.45 -1.42 -28.53
CA PRO A 79 8.53 -0.05 -27.99
C PRO A 79 8.15 0.96 -29.05
N ASN A 80 7.46 2.02 -28.61
CA ASN A 80 7.04 3.08 -29.53
C ASN A 80 6.29 2.52 -30.73
N GLN A 81 5.49 1.49 -30.48
CA GLN A 81 4.73 0.87 -31.55
C GLN A 81 3.78 1.87 -32.18
N THR A 82 3.73 1.90 -33.51
CA THR A 82 2.88 2.91 -34.14
C THR A 82 1.59 2.32 -34.69
N ALA A 83 1.53 1.02 -34.89
CA ALA A 83 0.41 0.34 -35.53
C ALA A 83 -0.10 -0.79 -34.65
N VAL A 84 -1.41 -1.02 -34.66
CA VAL A 84 -1.97 -2.13 -33.91
C VAL A 84 -1.37 -3.44 -34.42
N VAL A 85 -1.07 -4.34 -33.51
CA VAL A 85 -0.75 -5.73 -33.88
C VAL A 85 -2.04 -6.50 -34.02
N THR A 86 -2.20 -7.26 -35.10
CA THR A 86 -3.57 -7.73 -35.29
C THR A 86 -3.51 -9.13 -35.85
N VAL A 87 -3.86 -10.12 -34.98
CA VAL A 87 -3.66 -11.55 -35.25
C VAL A 87 -4.96 -12.26 -35.61
N ALA A 88 -4.85 -13.39 -36.31
CA ALA A 88 -6.03 -14.11 -36.82
C ALA A 88 -6.04 -15.53 -36.27
N ALA A 89 -7.12 -15.92 -35.60
CA ALA A 89 -7.29 -17.25 -35.03
C ALA A 89 -8.47 -17.94 -35.72
N THR A 90 -8.37 -19.26 -35.93
CA THR A 90 -9.47 -19.99 -36.56
C THR A 90 -9.91 -21.15 -35.67
N ASP A 91 -11.09 -21.70 -35.96
CA ASP A 91 -11.72 -22.78 -35.20
C ASP A 91 -12.30 -23.81 -36.15
N GLU A 92 -12.00 -25.08 -35.92
CA GLU A 92 -12.62 -26.12 -36.73
C GLU A 92 -13.96 -26.52 -36.14
N PRO A 93 -14.98 -26.68 -36.99
CA PRO A 93 -16.26 -27.22 -36.51
C PRO A 93 -16.12 -28.61 -35.93
N VAL A 94 -16.92 -28.92 -34.90
CA VAL A 94 -16.82 -30.24 -34.26
C VAL A 94 -17.17 -31.35 -35.26
N THR A 95 -16.74 -32.56 -34.91
CA THR A 95 -16.75 -33.80 -35.72
C THR A 95 -16.61 -33.52 -37.21
N SER B 1 -0.23 6.96 45.52
CA SER B 1 0.68 7.02 44.37
C SER B 1 1.78 8.00 44.68
N THR B 2 3.01 7.59 44.39
CA THR B 2 4.16 8.45 44.61
C THR B 2 4.97 8.46 43.33
N GLY B 3 5.99 9.34 43.26
CA GLY B 3 6.83 9.40 42.08
C GLY B 3 8.27 9.58 42.52
N ASP B 4 9.17 9.47 41.55
CA ASP B 4 10.61 9.57 41.83
C ASP B 4 11.18 10.74 41.06
N VAL B 5 12.33 11.26 41.52
CA VAL B 5 13.00 12.33 40.81
C VAL B 5 14.48 12.01 40.82
N THR B 6 15.16 12.29 39.70
CA THR B 6 16.61 12.19 39.59
C THR B 6 17.17 13.53 39.17
N LEU B 7 18.22 13.97 39.84
CA LEU B 7 18.97 15.16 39.47
C LEU B 7 20.33 14.71 38.95
N THR B 8 20.76 15.31 37.85
CA THR B 8 22.08 15.05 37.30
C THR B 8 22.87 16.34 37.33
N LYS B 9 24.10 16.29 37.86
CA LYS B 9 24.93 17.45 38.09
C LYS B 9 26.16 17.42 37.17
N THR B 10 26.43 18.53 36.46
CA THR B 10 27.63 18.63 35.62
C THR B 10 28.43 19.92 35.83
N ASP B 11 29.66 19.86 35.33
CA ASP B 11 30.49 21.03 35.03
C ASP B 11 29.88 21.73 33.81
N ALA B 12 29.45 23.00 33.96
CA ALA B 12 28.78 23.66 32.84
C ALA B 12 29.69 23.73 31.59
N THR B 13 31.01 23.81 31.78
CA THR B 13 31.87 24.00 30.62
C THR B 13 32.21 22.70 29.90
N THR B 14 32.33 21.59 30.63
CA THR B 14 32.69 20.32 29.99
C THR B 14 31.54 19.36 29.84
N LYS B 15 30.41 19.62 30.49
CA LYS B 15 29.28 18.70 30.59
C LYS B 15 29.67 17.42 31.30
N ALA B 16 30.81 17.38 32.00
CA ALA B 16 31.18 16.14 32.69
C ALA B 16 30.45 16.05 34.03
N ALA B 17 30.08 14.84 34.42
CA ALA B 17 29.42 14.60 35.70
C ALA B 17 30.29 15.03 36.88
N LEU B 18 29.65 15.54 37.93
CA LEU B 18 30.33 15.94 39.16
C LEU B 18 29.78 15.18 40.36
N ALA B 19 30.69 14.57 41.13
CA ALA B 19 30.34 13.93 42.39
C ALA B 19 30.45 14.90 43.56
N GLY B 20 29.71 14.60 44.64
CA GLY B 20 29.88 15.40 45.85
C GLY B 20 29.15 16.74 45.89
N ALA B 21 28.31 17.07 44.91
CA ALA B 21 27.46 18.25 45.04
C ALA B 21 26.37 17.94 46.05
N VAL B 22 26.10 18.85 47.00
CA VAL B 22 25.12 18.60 48.05
C VAL B 22 23.89 19.46 47.79
N TYR B 23 22.69 18.86 47.98
CA TYR B 23 21.41 19.56 47.76
C TYR B 23 20.42 19.38 48.92
N GLU B 24 19.59 20.40 49.13
CA GLU B 24 18.33 20.29 49.88
C GLU B 24 17.19 20.04 48.90
N LEU B 25 16.15 19.32 49.37
CA LEU B 25 14.85 19.26 48.69
C LEU B 25 13.88 20.11 49.47
N GLN B 26 13.24 21.08 48.80
CA GLN B 26 12.32 22.03 49.43
C GLN B 26 10.96 21.84 48.78
N ASP B 27 9.91 22.24 49.49
CA ASP B 27 8.65 22.37 48.78
C ASP B 27 8.67 23.69 48.02
N ALA B 28 7.58 23.96 47.32
CA ALA B 28 7.55 25.13 46.47
C ALA B 28 7.51 26.42 47.27
N THR B 29 7.21 26.38 48.58
CA THR B 29 7.34 27.58 49.39
C THR B 29 8.73 27.78 49.95
N GLY B 30 9.66 26.87 49.69
CA GLY B 30 10.99 26.97 50.24
C GLY B 30 11.19 26.23 51.54
N LYS B 31 10.19 25.51 52.05
N LYS B 31 10.18 25.53 52.06
CA LYS B 31 10.37 24.75 53.28
CA LYS B 31 10.38 24.77 53.29
C LYS B 31 11.25 23.54 53.02
C LYS B 31 11.28 23.56 53.01
N VAL B 32 12.33 23.42 53.78
CA VAL B 32 13.27 22.30 53.59
C VAL B 32 12.65 21.00 54.10
N LEU B 33 12.56 20.00 53.23
CA LEU B 33 12.00 18.69 53.57
C LEU B 33 13.05 17.61 53.75
N LYS B 34 14.16 17.70 53.01
CA LYS B 34 15.28 16.75 53.10
C LYS B 34 16.56 17.54 52.88
N MET B 35 17.66 17.09 53.49
CA MET B 35 18.93 17.79 53.24
C MET B 35 20.03 16.76 53.06
N GLY B 36 21.18 17.21 52.52
CA GLY B 36 22.38 16.36 52.41
C GLY B 36 22.38 15.40 51.25
N LEU B 37 21.47 15.59 50.28
CA LEU B 37 21.41 14.75 49.10
C LEU B 37 22.64 15.02 48.23
N THR B 38 23.41 13.98 47.95
CA THR B 38 24.77 14.14 47.42
C THR B 38 24.92 13.39 46.12
N THR B 39 25.46 14.05 45.08
CA THR B 39 25.62 13.37 43.80
C THR B 39 26.74 12.33 43.84
N ASP B 40 26.55 11.26 43.05
CA ASP B 40 27.53 10.16 42.95
C ASP B 40 28.45 10.37 41.75
N THR B 41 29.28 9.34 41.41
CA THR B 41 30.28 9.55 40.37
C THR B 41 29.71 9.66 38.97
N THR B 42 28.44 9.29 38.77
CA THR B 42 27.74 9.62 37.53
C THR B 42 27.05 10.98 37.61
N GLY B 43 27.27 11.74 38.70
CA GLY B 43 26.67 13.04 38.88
C GLY B 43 25.20 13.00 39.28
N GLN B 44 24.69 11.83 39.70
CA GLN B 44 23.27 11.67 39.95
C GLN B 44 22.95 11.53 41.43
N LEU B 45 21.74 11.98 41.78
CA LEU B 45 21.09 11.57 43.02
C LEU B 45 19.62 11.37 42.70
N THR B 46 18.96 10.48 43.44
CA THR B 46 17.56 10.17 43.19
C THR B 46 16.82 10.22 44.53
N VAL B 47 15.63 10.80 44.55
CA VAL B 47 14.74 10.73 45.70
C VAL B 47 13.51 9.95 45.23
N SER B 48 13.17 8.89 45.95
N SER B 48 13.13 8.93 46.00
CA SER B 48 12.02 8.10 45.55
CA SER B 48 12.03 8.06 45.59
C SER B 48 10.87 8.27 46.54
C SER B 48 10.89 8.12 46.60
N GLY B 49 9.69 7.88 46.10
CA GLY B 49 8.53 7.79 46.98
C GLY B 49 7.93 9.12 47.40
N LEU B 50 8.10 10.18 46.59
CA LEU B 50 7.56 11.50 46.92
C LEU B 50 6.07 11.56 46.57
N THR B 51 5.28 12.17 47.45
CA THR B 51 3.88 12.36 47.09
C THR B 51 3.75 13.45 46.02
N ALA B 52 2.60 13.48 45.33
CA ALA B 52 2.46 14.49 44.26
C ALA B 52 2.54 15.88 44.87
N GLY B 53 3.20 16.79 44.15
CA GLY B 53 3.33 18.16 44.60
C GLY B 53 4.39 18.92 43.84
N ASN B 54 4.55 20.19 44.22
CA ASN B 54 5.54 21.07 43.63
C ASN B 54 6.74 21.19 44.56
N TYR B 55 7.92 20.90 44.02
CA TYR B 55 9.15 20.85 44.81
C TYR B 55 10.26 21.65 44.14
N GLN B 56 11.39 21.74 44.83
CA GLN B 56 12.57 22.35 44.22
C GLN B 56 13.84 21.88 44.92
N PHE B 57 14.89 21.70 44.13
CA PHE B 57 16.20 21.38 44.67
C PHE B 57 16.97 22.69 44.81
N VAL B 58 17.75 22.80 45.87
CA VAL B 58 18.58 23.97 46.14
C VAL B 58 19.97 23.49 46.52
N GLU B 59 20.98 23.92 45.78
CA GLU B 59 22.33 23.48 46.07
C GLU B 59 22.79 24.09 47.39
N THR B 60 23.36 23.26 48.28
CA THR B 60 23.91 23.76 49.52
C THR B 60 25.44 23.67 49.62
N LYS B 61 26.08 22.85 48.79
CA LYS B 61 27.54 22.90 48.69
C LYS B 61 27.91 22.43 47.29
N ALA B 62 28.66 23.27 46.58
CA ALA B 62 29.15 22.91 45.24
C ALA B 62 30.35 21.99 45.39
N PRO B 63 30.61 21.14 44.40
CA PRO B 63 31.86 20.37 44.43
C PRO B 63 33.05 21.29 44.48
N SER B 64 34.10 20.80 45.11
CA SER B 64 35.33 21.56 45.23
C SER B 64 35.80 22.08 43.87
N GLY B 65 36.13 23.36 43.80
CA GLY B 65 36.55 24.00 42.57
C GLY B 65 35.42 24.59 41.72
N TYR B 66 34.18 24.55 42.21
CA TYR B 66 33.03 25.09 41.51
C TYR B 66 32.32 26.14 42.38
N GLN B 67 31.56 27.01 41.72
CA GLN B 67 30.84 28.11 42.38
C GLN B 67 29.47 27.64 42.84
N LEU B 68 29.11 27.96 44.08
CA LEU B 68 27.78 27.60 44.55
C LEU B 68 26.74 28.45 43.81
N ASN B 69 25.65 27.81 43.42
CA ASN B 69 24.53 28.51 42.79
C ASN B 69 23.29 27.92 43.45
N ALA B 70 22.75 28.65 44.44
CA ALA B 70 21.58 28.21 45.22
C ALA B 70 20.26 28.50 44.53
N ALA B 71 20.25 28.88 43.28
CA ALA B 71 18.97 29.13 42.62
C ALA B 71 18.15 27.84 42.56
N PRO B 72 16.85 27.90 42.87
CA PRO B 72 16.07 26.65 42.96
C PRO B 72 15.86 26.02 41.59
N LEU B 73 15.84 24.71 41.58
CA LEU B 73 15.53 23.92 40.39
C LEU B 73 14.18 23.26 40.64
N SER B 74 13.11 23.81 40.03
CA SER B 74 11.73 23.38 40.25
C SER B 74 11.41 22.10 39.53
N PHE B 75 10.55 21.31 40.15
CA PHE B 75 9.97 20.15 39.46
C PHE B 75 8.66 19.80 40.15
N THR B 76 7.79 19.10 39.42
CA THR B 76 6.51 18.67 39.93
C THR B 76 6.43 17.15 39.87
N ILE B 77 5.94 16.53 40.94
CA ILE B 77 5.53 15.12 40.91
C ILE B 77 4.05 15.08 40.65
N LYS B 78 3.65 14.35 39.60
CA LYS B 78 2.24 14.37 39.27
C LYS B 78 1.53 13.18 39.88
N PRO B 79 0.21 13.31 40.12
CA PRO B 79 -0.52 12.24 40.80
C PRO B 79 -0.45 10.89 40.15
N ASN B 80 -0.49 10.79 38.83
CA ASN B 80 -0.37 9.41 38.38
C ASN B 80 0.87 9.26 37.51
N GLN B 81 1.95 9.83 38.01
CA GLN B 81 3.24 9.78 37.34
C GLN B 81 3.68 8.34 37.06
N THR B 82 4.06 8.08 35.83
CA THR B 82 4.52 6.75 35.48
C THR B 82 5.99 6.71 35.11
N ALA B 83 6.66 7.85 35.02
CA ALA B 83 8.09 7.89 34.75
C ALA B 83 8.76 8.82 35.74
N VAL B 84 10.03 8.55 36.00
CA VAL B 84 10.82 9.42 36.83
C VAL B 84 10.85 10.85 36.21
N VAL B 85 10.84 11.84 37.07
CA VAL B 85 11.10 13.22 36.66
C VAL B 85 12.60 13.46 36.79
N THR B 86 13.23 14.04 35.78
CA THR B 86 14.69 13.94 35.82
C THR B 86 15.29 15.23 35.30
N VAL B 87 15.96 15.96 36.22
CA VAL B 87 16.39 17.37 36.06
C VAL B 87 17.91 17.49 36.01
N ALA B 88 18.39 18.55 35.36
CA ALA B 88 19.79 18.70 35.07
C ALA B 88 20.23 20.00 35.72
N ALA B 89 21.25 19.91 36.59
CA ALA B 89 21.85 21.07 37.25
C ALA B 89 23.29 21.23 36.76
N THR B 90 23.79 22.47 36.67
CA THR B 90 25.17 22.68 36.26
C THR B 90 25.91 23.54 37.26
N ASP B 91 27.25 23.55 37.14
CA ASP B 91 28.13 24.25 38.06
C ASP B 91 29.25 24.92 37.27
N GLU B 92 29.52 26.16 37.61
CA GLU B 92 30.58 26.91 36.97
C GLU B 92 31.88 26.74 37.75
N PRO B 93 32.98 26.44 37.07
CA PRO B 93 34.29 26.45 37.74
C PRO B 93 34.60 27.81 38.34
N VAL B 94 35.27 27.79 39.48
CA VAL B 94 35.65 29.02 40.20
C VAL B 94 36.65 29.81 39.37
N THR B 95 36.91 31.04 39.83
CA THR B 95 37.66 32.14 39.16
C THR B 95 37.13 32.37 37.76
N SER C 1 10.43 21.33 -21.60
CA SER C 1 9.22 22.18 -21.67
C SER C 1 8.79 22.60 -20.25
N THR C 2 7.62 22.16 -19.83
CA THR C 2 7.31 22.16 -18.39
C THR C 2 6.83 20.78 -18.04
N GLY C 3 6.67 20.57 -16.73
CA GLY C 3 6.08 19.33 -16.25
C GLY C 3 5.17 19.58 -15.09
N ASP C 4 4.48 18.51 -14.70
CA ASP C 4 3.50 18.54 -13.63
C ASP C 4 3.91 17.60 -12.52
N VAL C 5 3.43 17.87 -11.31
CA VAL C 5 3.66 16.99 -10.17
C VAL C 5 2.35 16.84 -9.40
N THR C 6 2.09 15.62 -8.92
CA THR C 6 0.93 15.33 -8.07
C THR C 6 1.40 14.71 -6.76
N LEU C 7 0.99 15.32 -5.64
CA LEU C 7 1.26 14.78 -4.31
C LEU C 7 -0.01 14.08 -3.83
N THR C 8 0.16 12.89 -3.20
CA THR C 8 -0.96 12.18 -2.59
C THR C 8 -0.66 12.01 -1.10
N LYS C 9 -1.59 12.46 -0.27
CA LYS C 9 -1.45 12.49 1.20
C LYS C 9 -2.28 11.41 1.88
N THR C 10 -1.66 10.61 2.79
CA THR C 10 -2.42 9.62 3.53
C THR C 10 -2.25 9.73 5.03
N ASP C 11 -3.18 9.07 5.72
CA ASP C 11 -3.04 8.58 7.10
C ASP C 11 -2.02 7.43 7.07
N ALA C 12 -0.90 7.55 7.80
CA ALA C 12 0.12 6.50 7.66
C ALA C 12 -0.39 5.14 8.15
N THR C 13 -1.28 5.11 9.12
CA THR C 13 -1.75 3.84 9.65
C THR C 13 -2.74 3.16 8.72
N THR C 14 -3.70 3.92 8.17
CA THR C 14 -4.77 3.30 7.38
C THR C 14 -4.56 3.41 5.88
N LYS C 15 -3.62 4.25 5.41
CA LYS C 15 -3.41 4.54 4.00
C LYS C 15 -4.61 5.26 3.38
N ALA C 16 -5.49 5.78 4.21
CA ALA C 16 -6.64 6.53 3.68
C ALA C 16 -6.19 7.93 3.26
N ALA C 17 -6.72 8.39 2.12
CA ALA C 17 -6.47 9.76 1.63
C ALA C 17 -6.91 10.78 2.66
N LEU C 18 -6.13 11.85 2.82
CA LEU C 18 -6.51 12.94 3.72
C LEU C 18 -6.69 14.26 2.97
N ALA C 19 -7.81 14.93 3.22
CA ALA C 19 -8.05 16.26 2.68
C ALA C 19 -7.55 17.32 3.66
N GLY C 20 -7.17 18.47 3.12
CA GLY C 20 -6.94 19.57 4.01
C GLY C 20 -5.50 19.67 4.51
N ALA C 21 -4.59 18.82 4.02
CA ALA C 21 -3.19 18.98 4.39
C ALA C 21 -2.64 20.14 3.57
N VAL C 22 -1.84 21.02 4.19
CA VAL C 22 -1.38 22.26 3.53
C VAL C 22 0.13 22.18 3.31
N TYR C 23 0.59 22.57 2.12
CA TYR C 23 2.01 22.43 1.72
C TYR C 23 2.56 23.72 1.12
N GLU C 24 3.86 23.95 1.35
CA GLU C 24 4.67 24.84 0.52
C GLU C 24 5.35 24.03 -0.58
N LEU C 25 5.56 24.65 -1.72
CA LEU C 25 6.51 24.16 -2.72
C LEU C 25 7.76 25.02 -2.61
N GLN C 26 8.94 24.39 -2.47
CA GLN C 26 10.21 25.08 -2.34
C GLN C 26 11.14 24.57 -3.44
N ASP C 27 12.15 25.36 -3.75
CA ASP C 27 13.20 24.78 -4.59
C ASP C 27 14.09 23.95 -3.69
N ALA C 28 15.11 23.27 -4.25
CA ALA C 28 15.86 22.33 -3.41
C ALA C 28 16.78 23.04 -2.42
N THR C 29 16.93 24.36 -2.49
CA THR C 29 17.63 25.06 -1.40
C THR C 29 16.70 25.49 -0.27
N GLY C 30 15.40 25.29 -0.39
CA GLY C 30 14.53 25.69 0.69
C GLY C 30 13.77 26.96 0.40
N LYS C 31 14.06 27.64 -0.70
CA LYS C 31 13.39 28.89 -1.01
C LYS C 31 11.91 28.64 -1.34
N VAL C 32 11.02 29.36 -0.66
CA VAL C 32 9.58 29.10 -0.85
C VAL C 32 9.12 29.74 -2.16
N LEU C 33 8.51 28.92 -3.05
CA LEU C 33 7.99 29.41 -4.34
C LEU C 33 6.49 29.51 -4.34
N LYS C 34 5.78 28.57 -3.69
CA LYS C 34 4.30 28.59 -3.61
C LYS C 34 3.93 28.19 -2.20
N MET C 35 2.80 28.67 -1.70
CA MET C 35 2.37 28.20 -0.37
C MET C 35 0.86 27.99 -0.39
N GLY C 36 0.33 27.25 0.60
CA GLY C 36 -1.13 27.16 0.72
C GLY C 36 -1.71 26.07 -0.14
N LEU C 37 -0.84 25.21 -0.68
CA LEU C 37 -1.30 24.14 -1.56
C LEU C 37 -1.99 23.07 -0.73
N THR C 38 -3.25 22.77 -1.01
CA THR C 38 -4.08 21.99 -0.08
C THR C 38 -4.60 20.75 -0.78
N THR C 39 -4.54 19.60 -0.08
CA THR C 39 -5.03 18.36 -0.64
C THR C 39 -6.56 18.30 -0.63
N ASP C 40 -7.11 17.57 -1.61
CA ASP C 40 -8.56 17.48 -1.78
C ASP C 40 -9.06 16.16 -1.18
N THR C 41 -10.33 15.79 -1.47
CA THR C 41 -10.85 14.61 -0.79
C THR C 41 -10.27 13.30 -1.33
N THR C 42 -9.55 13.32 -2.46
CA THR C 42 -8.81 12.12 -2.89
C THR C 42 -7.40 12.14 -2.36
N GLY C 43 -7.11 13.09 -1.45
CA GLY C 43 -5.79 13.28 -0.84
C GLY C 43 -4.79 13.94 -1.76
N GLN C 44 -5.23 14.50 -2.91
CA GLN C 44 -4.29 14.92 -3.92
C GLN C 44 -4.17 16.44 -3.96
N LEU C 45 -2.99 16.87 -4.37
CA LEU C 45 -2.82 18.21 -4.95
C LEU C 45 -1.90 18.11 -6.15
N THR C 46 -2.11 18.96 -7.15
CA THR C 46 -1.28 18.94 -8.33
C THR C 46 -0.74 20.35 -8.60
N VAL C 47 0.54 20.45 -8.94
CA VAL C 47 1.10 21.71 -9.46
C VAL C 47 1.46 21.46 -10.91
N SER C 48 0.92 22.27 -11.82
N SER C 48 0.95 22.29 -11.82
CA SER C 48 1.19 22.08 -13.24
CA SER C 48 1.20 22.05 -13.23
C SER C 48 2.10 23.17 -13.78
C SER C 48 2.01 23.19 -13.84
N GLY C 49 2.71 22.89 -14.92
CA GLY C 49 3.48 23.91 -15.61
C GLY C 49 4.78 24.34 -14.96
N LEU C 50 5.43 23.46 -14.19
CA LEU C 50 6.72 23.78 -13.56
C LEU C 50 7.86 23.66 -14.56
N THR C 51 8.82 24.61 -14.51
CA THR C 51 10.00 24.45 -15.33
C THR C 51 10.89 23.33 -14.73
N ALA C 52 11.78 22.78 -15.56
CA ALA C 52 12.67 21.73 -15.08
C ALA C 52 13.48 22.22 -13.89
N GLY C 53 13.70 21.34 -12.93
CA GLY C 53 14.49 21.72 -11.78
C GLY C 53 14.28 20.75 -10.64
N ASN C 54 14.98 21.02 -9.56
CA ASN C 54 14.88 20.23 -8.33
C ASN C 54 14.06 21.02 -7.30
N TYR C 55 13.03 20.37 -6.76
CA TYR C 55 12.04 20.99 -5.90
C TYR C 55 11.82 20.14 -4.65
N GLN C 56 11.03 20.67 -3.73
CA GLN C 56 10.59 19.86 -2.60
C GLN C 56 9.29 20.40 -2.04
N PHE C 57 8.40 19.48 -1.64
CA PHE C 57 7.22 19.87 -0.87
C PHE C 57 7.54 19.83 0.61
N VAL C 58 7.02 20.80 1.35
CA VAL C 58 7.15 20.85 2.80
C VAL C 58 5.77 21.08 3.42
N GLU C 59 5.33 20.16 4.29
CA GLU C 59 4.04 20.32 4.95
C GLU C 59 4.07 21.52 5.90
N THR C 60 3.06 22.40 5.79
CA THR C 60 2.92 23.51 6.72
C THR C 60 1.76 23.34 7.70
N LYS C 61 0.73 22.55 7.38
CA LYS C 61 -0.29 22.26 8.37
C LYS C 61 -0.77 20.84 8.09
N ALA C 62 -0.73 20.00 9.09
CA ALA C 62 -1.30 18.66 8.90
C ALA C 62 -2.80 18.70 9.09
N PRO C 63 -3.53 17.75 8.50
CA PRO C 63 -4.97 17.65 8.79
C PRO C 63 -5.23 17.50 10.27
N SER C 64 -6.37 18.03 10.71
CA SER C 64 -6.80 17.86 12.09
C SER C 64 -6.75 16.39 12.48
N GLY C 65 -6.14 16.10 13.63
CA GLY C 65 -6.00 14.73 14.11
C GLY C 65 -4.68 14.08 13.72
N TYR C 66 -3.78 14.81 13.03
CA TYR C 66 -2.52 14.25 12.55
C TYR C 66 -1.38 15.16 12.98
N GLN C 67 -0.16 14.60 13.03
N GLN C 67 -0.18 14.59 13.06
CA GLN C 67 1.03 15.31 13.47
CA GLN C 67 1.01 15.34 13.46
C GLN C 67 1.80 15.90 12.29
C GLN C 67 1.71 15.93 12.25
N LEU C 68 2.17 17.18 12.40
CA LEU C 68 2.90 17.82 11.32
C LEU C 68 4.27 17.16 11.17
N ASN C 69 4.68 16.90 9.92
CA ASN C 69 6.02 16.41 9.61
C ASN C 69 6.56 17.28 8.48
N ALA C 70 7.44 18.22 8.83
CA ALA C 70 7.93 19.17 7.85
C ALA C 70 9.15 18.66 7.06
N ALA C 71 9.45 17.37 7.14
CA ALA C 71 10.58 16.85 6.36
C ALA C 71 10.32 17.09 4.88
N PRO C 72 11.29 17.59 4.12
CA PRO C 72 11.03 17.87 2.69
C PRO C 72 10.81 16.58 1.90
N LEU C 73 9.87 16.63 0.94
CA LEU C 73 9.63 15.57 -0.04
C LEU C 73 10.20 16.03 -1.37
N SER C 74 11.38 15.52 -1.74
N SER C 74 11.35 15.51 -1.77
CA SER C 74 12.05 16.00 -2.94
CA SER C 74 12.04 16.05 -2.93
C SER C 74 11.45 15.40 -4.20
C SER C 74 11.62 15.35 -4.24
N PHE C 75 11.60 16.13 -5.31
CA PHE C 75 11.28 15.60 -6.62
C PHE C 75 11.95 16.48 -7.66
N THR C 76 12.13 15.92 -8.85
CA THR C 76 12.76 16.62 -9.94
C THR C 76 11.82 16.64 -11.16
N ILE C 77 11.67 17.83 -11.76
CA ILE C 77 11.03 17.97 -13.06
C ILE C 77 12.12 17.93 -14.12
N LYS C 78 12.01 16.98 -15.05
CA LYS C 78 13.09 16.91 -16.04
C LYS C 78 12.74 17.69 -17.30
N PRO C 79 13.73 18.11 -18.08
CA PRO C 79 13.43 18.74 -19.38
C PRO C 79 12.71 17.75 -20.28
N ASN C 80 11.71 18.22 -21.02
CA ASN C 80 10.94 17.31 -21.90
C ASN C 80 10.46 16.07 -21.14
N GLN C 81 10.14 16.26 -19.88
CA GLN C 81 9.41 15.24 -19.14
C GLN C 81 8.09 14.95 -19.83
N THR C 82 7.74 13.67 -19.95
CA THR C 82 6.53 13.27 -20.66
C THR C 82 5.42 12.75 -19.75
N ALA C 83 5.69 12.46 -18.50
CA ALA C 83 4.71 11.91 -17.61
C ALA C 83 4.72 12.75 -16.36
N VAL C 84 3.59 12.74 -15.65
CA VAL C 84 3.52 13.44 -14.37
C VAL C 84 4.48 12.80 -13.37
N VAL C 85 5.11 13.63 -12.53
CA VAL C 85 5.92 13.14 -11.39
C VAL C 85 5.00 13.03 -10.18
N THR C 86 5.12 11.95 -9.43
N THR C 86 5.09 11.94 -9.39
CA THR C 86 4.26 11.86 -8.27
CA THR C 86 4.09 11.68 -8.34
C THR C 86 5.10 11.70 -7.02
C THR C 86 4.73 11.29 -7.00
N VAL C 87 4.48 12.09 -5.93
CA VAL C 87 5.12 11.86 -4.63
C VAL C 87 4.06 11.48 -3.62
N ALA C 88 4.45 10.58 -2.73
CA ALA C 88 3.54 10.07 -1.72
C ALA C 88 3.95 10.66 -0.37
N ALA C 89 3.03 11.36 0.28
CA ALA C 89 3.24 12.00 1.56
C ALA C 89 2.38 11.32 2.61
N THR C 90 2.86 11.27 3.85
CA THR C 90 2.01 10.59 4.84
C THR C 90 2.07 11.29 6.21
N ASP C 91 1.09 10.96 7.07
CA ASP C 91 0.90 11.68 8.34
C ASP C 91 0.61 10.69 9.44
N GLU C 92 1.32 10.83 10.55
CA GLU C 92 1.04 10.01 11.72
C GLU C 92 -0.20 10.52 12.43
N PRO C 93 -1.14 9.66 12.76
CA PRO C 93 -2.27 10.07 13.61
C PRO C 93 -1.78 10.53 14.98
N VAL C 94 -2.48 11.46 15.56
CA VAL C 94 -2.13 12.05 16.84
C VAL C 94 -2.47 11.10 17.97
N THR C 95 -1.63 11.09 19.01
CA THR C 95 -1.96 10.51 20.32
C THR C 95 -1.05 11.06 21.43
N SER D 1 42.77 5.32 25.64
CA SER D 1 41.80 5.82 26.60
C SER D 1 40.50 6.15 25.85
N THR D 2 39.38 5.71 26.37
CA THR D 2 38.09 6.07 25.76
C THR D 2 37.21 6.66 26.86
N GLY D 3 36.02 7.19 26.49
CA GLY D 3 35.16 7.81 27.47
C GLY D 3 33.72 7.49 27.11
N ASP D 4 32.82 7.77 28.05
CA ASP D 4 31.40 7.45 27.87
C ASP D 4 30.57 8.71 27.88
N VAL D 5 29.35 8.59 27.34
CA VAL D 5 28.43 9.71 27.32
C VAL D 5 27.04 9.16 27.60
N THR D 6 26.26 9.89 28.39
CA THR D 6 24.84 9.56 28.65
C THR D 6 23.99 10.72 28.21
N LEU D 7 22.90 10.43 27.50
CA LEU D 7 21.90 11.43 27.14
C LEU D 7 20.63 11.14 27.95
N THR D 8 20.00 12.17 28.47
CA THR D 8 18.75 11.98 29.22
C THR D 8 17.68 12.79 28.51
N LYS D 9 16.52 12.19 28.28
CA LYS D 9 15.50 12.77 27.40
C LYS D 9 14.25 13.02 28.23
N THR D 10 13.70 14.24 28.17
CA THR D 10 12.48 14.50 28.92
C THR D 10 11.44 15.20 28.06
N ASP D 11 10.20 15.20 28.57
CA ASP D 11 9.13 16.09 28.12
C ASP D 11 9.47 17.50 28.64
N ALA D 12 9.57 18.46 27.75
CA ALA D 12 10.00 19.79 28.17
C ALA D 12 9.03 20.41 29.17
N THR D 13 7.74 20.08 29.09
CA THR D 13 6.82 20.78 29.96
C THR D 13 6.76 20.14 31.34
N THR D 14 6.90 18.81 31.45
CA THR D 14 6.79 18.15 32.74
C THR D 14 8.11 17.68 33.32
N LYS D 15 9.19 17.69 32.54
CA LYS D 15 10.48 17.16 32.97
C LYS D 15 10.46 15.66 33.22
N ALA D 16 9.40 14.98 32.77
CA ALA D 16 9.30 13.53 32.91
C ALA D 16 10.15 12.83 31.84
N ALA D 17 10.76 11.71 32.22
CA ALA D 17 11.61 10.92 31.32
C ALA D 17 10.78 10.33 30.19
N LEU D 18 11.33 10.33 28.98
CA LEU D 18 10.65 9.71 27.84
C LEU D 18 11.43 8.54 27.30
N ALA D 19 10.76 7.40 27.14
CA ALA D 19 11.38 6.28 26.46
C ALA D 19 11.13 6.32 24.96
N GLY D 20 12.01 5.66 24.21
CA GLY D 20 11.77 5.46 22.79
C GLY D 20 12.15 6.61 21.89
N ALA D 21 12.80 7.66 22.39
CA ALA D 21 13.38 8.66 21.49
C ALA D 21 14.57 8.05 20.76
N VAL D 22 14.70 8.34 19.46
CA VAL D 22 15.76 7.75 18.64
C VAL D 22 16.75 8.83 18.21
N TYR D 23 18.06 8.51 18.31
CA TYR D 23 19.16 9.43 18.06
C TYR D 23 20.21 8.83 17.14
N GLU D 24 20.84 9.70 16.36
CA GLU D 24 22.12 9.48 15.70
C GLU D 24 23.24 10.09 16.54
N LEU D 25 24.42 9.45 16.51
CA LEU D 25 25.65 10.07 17.00
C LEU D 25 26.45 10.51 15.79
N GLN D 26 26.76 11.80 15.69
CA GLN D 26 27.56 12.37 14.60
C GLN D 26 28.89 12.85 15.13
N ASP D 27 29.90 12.93 14.25
CA ASP D 27 31.04 13.72 14.65
C ASP D 27 30.69 15.21 14.49
N ALA D 28 31.62 16.08 14.90
CA ALA D 28 31.31 17.50 14.82
C ALA D 28 31.16 17.99 13.39
N THR D 29 31.60 17.23 12.38
CA THR D 29 31.27 17.67 11.01
C THR D 29 29.87 17.24 10.56
N GLY D 30 29.14 16.47 11.35
CA GLY D 30 27.83 16.02 10.90
C GLY D 30 27.86 14.64 10.29
N LYS D 31 29.04 14.03 10.14
N LYS D 31 29.03 14.02 10.13
CA LYS D 31 29.13 12.65 9.68
CA LYS D 31 29.10 12.66 9.64
C LYS D 31 28.47 11.69 10.68
C LYS D 31 28.49 11.69 10.65
N VAL D 32 27.53 10.87 10.21
CA VAL D 32 26.82 9.95 11.09
C VAL D 32 27.75 8.78 11.41
N LEU D 33 28.02 8.56 12.72
CA LEU D 33 28.85 7.43 13.16
C LEU D 33 28.05 6.26 13.72
N LYS D 34 26.90 6.52 14.35
CA LYS D 34 26.07 5.47 14.92
C LYS D 34 24.63 5.92 14.75
N MET D 35 23.72 4.96 14.59
CA MET D 35 22.30 5.41 14.48
C MET D 35 21.42 4.45 15.26
N GLY D 36 20.15 4.84 15.48
CA GLY D 36 19.24 3.94 16.18
C GLY D 36 19.36 3.92 17.68
N LEU D 37 20.08 4.88 18.28
CA LEU D 37 20.31 4.87 19.73
C LEU D 37 19.01 5.31 20.43
N THR D 38 18.45 4.49 21.32
CA THR D 38 17.07 4.70 21.80
C THR D 38 16.99 4.82 23.31
N THR D 39 16.26 5.82 23.81
CA THR D 39 16.19 6.01 25.27
C THR D 39 15.34 4.91 25.93
N ASP D 40 15.70 4.57 27.20
CA ASP D 40 15.01 3.53 27.95
C ASP D 40 13.97 4.20 28.84
N THR D 41 13.37 3.46 29.78
CA THR D 41 12.26 4.01 30.55
C THR D 41 12.70 5.02 31.58
N THR D 42 13.99 5.14 31.91
CA THR D 42 14.48 6.29 32.66
C THR D 42 14.84 7.46 31.76
N GLY D 43 14.56 7.36 30.48
CA GLY D 43 14.84 8.42 29.53
C GLY D 43 16.29 8.50 29.12
N GLN D 44 17.07 7.46 29.40
N GLN D 44 17.12 7.50 29.45
CA GLN D 44 18.52 7.53 29.20
CA GLN D 44 18.55 7.64 29.19
C GLN D 44 19.00 6.62 28.07
C GLN D 44 19.03 6.64 28.14
N LEU D 45 20.07 7.05 27.43
CA LEU D 45 20.86 6.14 26.60
C LEU D 45 22.31 6.49 26.89
N THR D 46 23.19 5.49 26.76
CA THR D 46 24.62 5.64 27.02
C THR D 46 25.41 5.04 25.87
N VAL D 47 26.45 5.74 25.44
CA VAL D 47 27.39 5.21 24.45
C VAL D 47 28.74 5.15 25.17
N SER D 48 29.34 3.97 25.19
N SER D 48 29.32 3.96 25.23
CA SER D 48 30.59 3.70 25.90
CA SER D 48 30.60 3.78 25.89
C SER D 48 31.72 3.44 24.91
C SER D 48 31.71 3.59 24.86
N GLY D 49 32.94 3.77 25.32
CA GLY D 49 34.08 3.41 24.49
C GLY D 49 34.36 4.34 23.34
N LEU D 50 33.95 5.61 23.44
CA LEU D 50 34.24 6.61 22.42
C LEU D 50 35.66 7.11 22.54
N THR D 51 36.33 7.24 21.39
CA THR D 51 37.63 7.88 21.43
C THR D 51 37.46 9.38 21.67
N ALA D 52 38.51 10.02 22.17
CA ALA D 52 38.40 11.45 22.43
C ALA D 52 38.06 12.21 21.15
N GLY D 53 37.24 13.24 21.26
CA GLY D 53 36.87 14.01 20.09
C GLY D 53 35.62 14.81 20.37
N ASN D 54 35.21 15.58 19.37
CA ASN D 54 34.00 16.41 19.42
C ASN D 54 32.87 15.70 18.69
N TYR D 55 31.71 15.60 19.35
CA TYR D 55 30.60 14.80 18.84
C TYR D 55 29.30 15.59 18.98
N GLN D 56 28.21 15.05 18.43
CA GLN D 56 26.89 15.65 18.66
C GLN D 56 25.81 14.60 18.47
N PHE D 57 24.78 14.67 19.33
CA PHE D 57 23.60 13.83 19.15
C PHE D 57 22.58 14.61 18.34
N VAL D 58 21.85 13.91 17.47
CA VAL D 58 20.78 14.51 16.63
C VAL D 58 19.59 13.58 16.74
N GLU D 59 18.45 14.10 17.21
CA GLU D 59 17.25 13.26 17.30
C GLU D 59 16.77 12.88 15.90
N THR D 60 16.42 11.61 15.70
CA THR D 60 15.89 11.18 14.40
C THR D 60 14.45 10.71 14.46
N LYS D 61 13.97 10.35 15.63
CA LYS D 61 12.55 10.08 15.79
C LYS D 61 12.16 10.50 17.21
N ALA D 62 11.14 11.38 17.31
CA ALA D 62 10.69 11.76 18.64
C ALA D 62 9.76 10.69 19.20
N PRO D 63 9.66 10.58 20.54
CA PRO D 63 8.70 9.65 21.14
C PRO D 63 7.29 10.04 20.73
N SER D 64 6.42 9.06 20.67
CA SER D 64 5.05 9.33 20.21
C SER D 64 4.35 10.37 21.11
N GLY D 65 3.73 11.36 20.47
CA GLY D 65 3.12 12.49 21.17
C GLY D 65 4.01 13.71 21.25
N TYR D 66 5.21 13.68 20.65
CA TYR D 66 6.18 14.77 20.77
C TYR D 66 6.68 15.21 19.40
N GLN D 67 7.13 16.47 19.36
CA GLN D 67 7.64 17.07 18.16
C GLN D 67 9.11 16.74 18.00
N LEU D 68 9.54 16.47 16.78
CA LEU D 68 10.95 16.19 16.51
C LEU D 68 11.73 17.50 16.45
N ASN D 69 12.88 17.56 17.12
CA ASN D 69 13.77 18.71 17.09
C ASN D 69 15.17 18.16 16.77
N ALA D 70 15.64 18.38 15.54
CA ALA D 70 16.89 17.74 15.14
C ALA D 70 18.12 18.62 15.40
N ALA D 71 17.99 19.67 16.23
CA ALA D 71 19.15 20.52 16.51
C ALA D 71 20.21 19.69 17.22
N PRO D 72 21.46 19.75 16.78
CA PRO D 72 22.54 18.95 17.40
C PRO D 72 22.75 19.30 18.86
N LEU D 73 23.02 18.28 19.66
N LEU D 73 23.01 18.28 19.65
CA LEU D 73 23.40 18.42 21.05
CA LEU D 73 23.40 18.44 21.06
C LEU D 73 24.89 18.08 21.14
C LEU D 73 24.88 18.09 21.15
N SER D 74 25.73 19.10 21.25
CA SER D 74 27.19 18.93 21.21
C SER D 74 27.77 18.41 22.51
N PHE D 75 28.88 17.66 22.38
CA PHE D 75 29.66 17.30 23.55
C PHE D 75 31.06 16.88 23.11
N THR D 76 31.97 16.91 24.07
CA THR D 76 33.36 16.50 23.82
C THR D 76 33.76 15.37 24.75
N ILE D 77 34.38 14.32 24.20
CA ILE D 77 35.09 13.32 25.01
C ILE D 77 36.55 13.76 25.10
N LYS D 78 37.05 13.96 26.35
CA LYS D 78 38.41 14.45 26.52
C LYS D 78 39.37 13.27 26.63
N PRO D 79 40.65 13.43 26.29
CA PRO D 79 41.60 12.34 26.54
C PRO D 79 41.70 12.05 28.03
N ASN D 80 41.85 10.77 28.39
CA ASN D 80 41.94 10.38 29.80
C ASN D 80 40.76 10.91 30.64
N GLN D 81 39.59 11.07 30.04
CA GLN D 81 38.51 11.61 30.83
C GLN D 81 38.13 10.61 31.92
N THR D 82 37.84 11.13 33.11
CA THR D 82 37.59 10.26 34.24
C THR D 82 36.11 10.21 34.63
N ALA D 83 35.27 10.97 33.98
CA ALA D 83 33.88 11.01 34.41
C ALA D 83 33.01 11.02 33.16
N VAL D 84 31.86 10.36 33.26
CA VAL D 84 30.91 10.33 32.16
C VAL D 84 30.50 11.75 31.78
N VAL D 85 30.39 12.01 30.47
CA VAL D 85 29.78 13.24 29.96
C VAL D 85 28.28 13.01 29.83
N THR D 86 27.52 13.97 30.34
N THR D 86 27.45 13.95 30.30
CA THR D 86 26.08 13.83 30.30
CA THR D 86 26.03 13.57 30.41
C THR D 86 25.47 14.99 29.56
C THR D 86 25.13 14.76 30.07
N VAL D 87 24.40 14.68 28.89
CA VAL D 87 23.70 15.76 28.22
C VAL D 87 22.20 15.55 28.41
N ALA D 88 21.49 16.65 28.42
CA ALA D 88 20.05 16.67 28.68
C ALA D 88 19.37 17.13 27.39
N ALA D 89 18.41 16.35 26.90
CA ALA D 89 17.65 16.72 25.71
C ALA D 89 16.18 16.78 26.11
N THR D 90 15.41 17.69 25.48
CA THR D 90 13.99 17.79 25.78
C THR D 90 13.16 17.78 24.49
N ASP D 91 11.87 17.53 24.67
CA ASP D 91 10.90 17.34 23.59
C ASP D 91 9.62 18.08 23.93
N GLU D 92 9.15 18.87 22.99
CA GLU D 92 7.87 19.58 23.10
C GLU D 92 6.71 18.67 22.76
N PRO D 93 5.70 18.56 23.62
CA PRO D 93 4.48 17.83 23.27
C PRO D 93 3.83 18.40 22.02
N VAL D 94 3.21 17.50 21.24
CA VAL D 94 2.38 17.94 20.12
C VAL D 94 1.21 18.74 20.65
N THR D 95 0.83 19.80 19.95
CA THR D 95 -0.39 20.53 20.33
C THR D 95 -0.98 21.29 19.15
N SER E 1 -13.17 15.57 7.51
CA SER E 1 -13.99 16.70 7.10
C SER E 1 -13.16 17.97 7.03
N THR E 2 -13.66 18.93 6.28
CA THR E 2 -13.05 20.25 6.18
C THR E 2 -14.19 21.26 6.26
N GLY E 3 -13.85 22.56 6.35
CA GLY E 3 -14.88 23.59 6.38
C GLY E 3 -14.42 24.77 5.55
N ASP E 4 -15.33 25.72 5.39
CA ASP E 4 -15.09 26.90 4.57
C ASP E 4 -15.20 28.15 5.45
N VAL E 5 -14.60 29.22 4.97
CA VAL E 5 -14.67 30.50 5.64
C VAL E 5 -14.85 31.59 4.59
N THR E 6 -15.72 32.58 4.88
CA THR E 6 -15.84 33.75 4.04
C THR E 6 -15.51 34.99 4.86
N LEU E 7 -14.78 35.93 4.28
CA LEU E 7 -14.57 37.22 4.91
C LEU E 7 -15.27 38.26 4.05
N THR E 8 -15.94 39.23 4.68
N THR E 8 -15.98 39.19 4.68
CA THR E 8 -16.58 40.34 3.97
CA THR E 8 -16.54 40.35 4.00
C THR E 8 -15.96 41.64 4.46
C THR E 8 -15.82 41.59 4.47
N LYS E 9 -15.52 42.45 3.51
CA LYS E 9 -14.78 43.69 3.79
C LYS E 9 -15.64 44.89 3.43
N THR E 10 -15.75 45.86 4.37
CA THR E 10 -16.45 47.11 4.12
C THR E 10 -15.65 48.33 4.52
N ASP E 11 -16.13 49.45 4.04
CA ASP E 11 -15.81 50.78 4.52
C ASP E 11 -16.52 50.94 5.86
N ALA E 12 -15.76 51.20 6.94
CA ALA E 12 -16.40 51.22 8.25
C ALA E 12 -17.47 52.30 8.32
N THR E 13 -17.33 53.39 7.58
CA THR E 13 -18.24 54.51 7.77
C THR E 13 -19.50 54.39 6.92
N THR E 14 -19.44 53.72 5.77
CA THR E 14 -20.63 53.61 4.92
C THR E 14 -21.23 52.22 4.91
N LYS E 15 -20.48 51.21 5.39
CA LYS E 15 -20.86 49.80 5.33
C LYS E 15 -20.89 49.30 3.88
N ALA E 16 -20.29 50.02 2.95
CA ALA E 16 -20.23 49.54 1.56
C ALA E 16 -19.10 48.54 1.36
N ALA E 17 -19.36 47.52 0.52
CA ALA E 17 -18.31 46.52 0.18
C ALA E 17 -17.11 47.19 -0.48
N LEU E 18 -15.90 46.64 -0.18
CA LEU E 18 -14.66 47.08 -0.81
C LEU E 18 -13.97 45.93 -1.51
N ALA E 19 -13.64 46.13 -2.79
CA ALA E 19 -12.87 45.18 -3.59
C ALA E 19 -11.38 45.48 -3.45
N GLY E 20 -10.56 44.45 -3.61
CA GLY E 20 -9.13 44.71 -3.67
C GLY E 20 -8.39 44.76 -2.34
N ALA E 21 -9.07 44.46 -1.23
CA ALA E 21 -8.33 44.31 0.05
C ALA E 21 -7.60 42.98 0.01
N VAL E 22 -6.33 42.94 0.46
CA VAL E 22 -5.54 41.72 0.39
C VAL E 22 -5.25 41.21 1.79
N TYR E 23 -5.38 39.88 1.97
CA TYR E 23 -5.23 39.23 3.27
C TYR E 23 -4.26 38.05 3.19
N GLU E 24 -3.58 37.80 4.33
CA GLU E 24 -2.97 36.53 4.63
C GLU E 24 -3.90 35.71 5.48
N LEU E 25 -3.83 34.38 5.30
CA LEU E 25 -4.43 33.45 6.24
C LEU E 25 -3.29 32.84 7.07
N GLN E 26 -3.37 32.98 8.38
CA GLN E 26 -2.37 32.45 9.33
C GLN E 26 -3.02 31.40 10.23
N ASP E 27 -2.19 30.53 10.81
CA ASP E 27 -2.73 29.77 11.93
C ASP E 27 -2.73 30.68 13.16
N ALA E 28 -3.23 30.16 14.29
CA ALA E 28 -3.38 31.03 15.46
C ALA E 28 -2.05 31.38 16.13
N THR E 29 -0.93 30.75 15.73
CA THR E 29 0.36 31.24 16.20
C THR E 29 0.96 32.30 15.29
N GLY E 30 0.32 32.60 14.18
CA GLY E 30 0.87 33.62 13.30
C GLY E 30 1.59 33.08 12.10
N LYS E 31 1.69 31.76 11.96
CA LYS E 31 2.39 31.18 10.81
C LYS E 31 1.56 31.41 9.55
N VAL E 32 2.17 31.96 8.50
CA VAL E 32 1.40 32.29 7.29
C VAL E 32 1.20 31.01 6.49
N LEU E 33 -0.05 30.67 6.21
CA LEU E 33 -0.40 29.48 5.42
C LEU E 33 -0.81 29.79 3.98
N LYS E 34 -1.49 30.94 3.76
CA LYS E 34 -1.88 31.39 2.42
C LYS E 34 -1.71 32.91 2.35
N MET E 35 -1.39 33.44 1.18
CA MET E 35 -1.29 34.90 1.05
C MET E 35 -1.98 35.34 -0.24
N GLY E 36 -2.24 36.64 -0.32
CA GLY E 36 -2.75 37.23 -1.56
C GLY E 36 -4.25 37.06 -1.76
N LEU E 37 -4.98 36.65 -0.71
CA LEU E 37 -6.44 36.48 -0.79
C LEU E 37 -7.09 37.84 -0.95
N THR E 38 -7.86 38.06 -2.02
CA THR E 38 -8.22 39.44 -2.37
C THR E 38 -9.75 39.53 -2.45
N THR E 39 -10.34 40.59 -1.88
CA THR E 39 -11.80 40.68 -1.91
C THR E 39 -12.30 41.08 -3.30
N ASP E 40 -13.51 40.57 -3.67
CA ASP E 40 -14.10 40.87 -4.97
C ASP E 40 -15.07 42.06 -4.85
N THR E 41 -15.87 42.31 -5.89
CA THR E 41 -16.73 43.51 -5.87
C THR E 41 -17.86 43.41 -4.88
N THR E 42 -18.15 42.22 -4.36
CA THR E 42 -19.11 42.15 -3.24
C THR E 42 -18.40 42.28 -1.90
N GLY E 43 -17.09 42.56 -1.90
CA GLY E 43 -16.35 42.64 -0.65
C GLY E 43 -15.94 41.31 -0.08
N GLN E 44 -16.13 40.22 -0.81
CA GLN E 44 -15.96 38.90 -0.22
C GLN E 44 -14.72 38.19 -0.74
N LEU E 45 -14.17 37.35 0.14
CA LEU E 45 -13.25 36.31 -0.28
C LEU E 45 -13.63 35.04 0.47
N THR E 46 -13.38 33.89 -0.11
CA THR E 46 -13.74 32.62 0.51
C THR E 46 -12.57 31.66 0.41
N VAL E 47 -12.27 30.92 1.48
CA VAL E 47 -11.26 29.86 1.45
C VAL E 47 -12.01 28.58 1.75
N SER E 48 -11.88 27.59 0.87
N SER E 48 -11.90 27.60 0.88
CA SER E 48 -12.63 26.34 1.01
CA SER E 48 -12.63 26.37 1.16
C SER E 48 -11.71 25.17 1.29
C SER E 48 -11.67 25.25 1.47
N GLY E 49 -12.23 24.18 2.02
CA GLY E 49 -11.49 22.95 2.25
C GLY E 49 -10.45 23.07 3.33
N LEU E 50 -10.66 23.95 4.31
CA LEU E 50 -9.73 24.08 5.43
C LEU E 50 -9.93 22.94 6.42
N THR E 51 -8.83 22.39 6.92
CA THR E 51 -9.00 21.40 7.98
C THR E 51 -9.35 22.13 9.28
N ALA E 52 -9.94 21.39 10.23
CA ALA E 52 -10.30 21.97 11.52
C ALA E 52 -9.07 22.55 12.24
N GLY E 53 -9.29 23.68 12.89
CA GLY E 53 -8.20 24.37 13.55
C GLY E 53 -8.57 25.80 13.86
N ASN E 54 -7.61 26.46 14.49
CA ASN E 54 -7.75 27.87 14.86
C ASN E 54 -6.91 28.69 13.90
N TYR E 55 -7.52 29.72 13.31
CA TYR E 55 -6.90 30.50 12.25
C TYR E 55 -7.08 31.98 12.52
N GLN E 56 -6.49 32.79 11.65
CA GLN E 56 -6.78 34.22 11.67
C GLN E 56 -6.44 34.82 10.31
N PHE E 57 -7.27 35.79 9.88
CA PHE E 57 -6.93 36.63 8.74
C PHE E 57 -6.16 37.85 9.20
N VAL E 58 -5.21 38.28 8.35
CA VAL E 58 -4.42 39.47 8.62
C VAL E 58 -4.34 40.29 7.34
N GLU E 59 -4.80 41.53 7.40
CA GLU E 59 -4.80 42.37 6.20
C GLU E 59 -3.35 42.75 5.83
N THR E 60 -3.00 42.57 4.55
CA THR E 60 -1.66 42.95 4.09
C THR E 60 -1.66 44.16 3.17
N LYS E 61 -2.81 44.51 2.58
CA LYS E 61 -2.88 45.70 1.75
C LYS E 61 -4.32 46.19 1.82
N ALA E 62 -4.51 47.41 2.26
CA ALA E 62 -5.89 47.94 2.31
C ALA E 62 -6.27 48.48 0.95
N PRO E 63 -7.57 48.57 0.65
CA PRO E 63 -7.98 49.20 -0.61
C PRO E 63 -7.51 50.63 -0.63
N SER E 64 -7.20 51.10 -1.83
CA SER E 64 -6.77 52.48 -2.04
C SER E 64 -7.76 53.45 -1.37
N GLY E 65 -7.23 54.38 -0.57
CA GLY E 65 -8.04 55.34 0.14
C GLY E 65 -8.37 54.96 1.57
N TYR E 66 -7.88 53.80 2.02
CA TYR E 66 -8.19 53.26 3.34
C TYR E 66 -6.90 52.97 4.10
N GLN E 67 -7.02 52.94 5.42
CA GLN E 67 -5.89 52.68 6.31
C GLN E 67 -5.70 51.19 6.53
N LEU E 68 -4.48 50.74 6.44
CA LEU E 68 -4.18 49.35 6.72
C LEU E 68 -4.39 49.09 8.22
N ASN E 69 -5.09 48.02 8.55
CA ASN E 69 -5.24 47.57 9.93
C ASN E 69 -4.91 46.07 9.96
N ALA E 70 -3.69 45.72 10.41
CA ALA E 70 -3.19 44.34 10.42
C ALA E 70 -3.61 43.53 11.64
N ALA E 71 -4.49 44.06 12.49
CA ALA E 71 -4.99 43.27 13.62
C ALA E 71 -5.59 41.93 13.15
N PRO E 72 -5.21 40.81 13.75
CA PRO E 72 -5.76 39.53 13.28
C PRO E 72 -7.24 39.39 13.55
N LEU E 73 -7.92 38.79 12.59
N LEU E 73 -7.93 38.81 12.60
CA LEU E 73 -9.34 38.43 12.69
CA LEU E 73 -9.34 38.46 12.72
C LEU E 73 -9.42 36.91 12.90
C LEU E 73 -9.43 36.94 12.90
N SER E 74 -9.68 36.51 14.14
CA SER E 74 -9.67 35.09 14.52
C SER E 74 -10.91 34.35 14.07
N PHE E 75 -10.71 33.07 13.74
CA PHE E 75 -11.88 32.20 13.53
C PHE E 75 -11.42 30.78 13.72
N THR E 76 -12.39 29.91 13.94
CA THR E 76 -12.13 28.49 14.15
C THR E 76 -12.96 27.68 13.16
N ILE E 77 -12.32 26.69 12.54
CA ILE E 77 -13.03 25.67 11.78
C ILE E 77 -13.21 24.46 12.70
N LYS E 78 -14.43 24.07 12.97
CA LYS E 78 -14.66 22.96 13.86
C LYS E 78 -14.65 21.64 13.10
N PRO E 79 -14.38 20.51 13.77
CA PRO E 79 -14.57 19.20 13.13
C PRO E 79 -16.02 18.99 12.74
N ASN E 80 -16.24 18.40 11.57
CA ASN E 80 -17.61 18.15 11.10
C ASN E 80 -18.48 19.42 11.06
N GLN E 81 -17.83 20.55 10.77
N GLN E 81 -17.87 20.58 10.78
CA GLN E 81 -18.51 21.81 10.48
CA GLN E 81 -18.63 21.83 10.72
C GLN E 81 -19.65 21.60 9.49
C GLN E 81 -19.58 21.78 9.53
N THR E 82 -20.81 22.19 9.76
CA THR E 82 -21.91 22.04 8.80
C THR E 82 -22.22 23.33 8.06
N ALA E 83 -21.70 24.46 8.51
CA ALA E 83 -22.01 25.74 7.93
C ALA E 83 -20.74 26.54 7.72
N VAL E 84 -20.75 27.38 6.69
CA VAL E 84 -19.61 28.28 6.48
C VAL E 84 -19.42 29.18 7.71
N VAL E 85 -18.17 29.47 8.05
CA VAL E 85 -17.81 30.46 9.06
C VAL E 85 -17.64 31.78 8.33
N THR E 86 -18.24 32.88 8.84
N THR E 86 -18.20 32.83 8.87
CA THR E 86 -18.27 34.17 8.10
CA THR E 86 -18.01 34.10 8.21
C THR E 86 -17.84 35.33 8.96
C THR E 86 -17.40 35.08 9.18
N VAL E 87 -16.75 36.04 8.59
CA VAL E 87 -16.19 37.10 9.42
C VAL E 87 -16.30 38.42 8.69
N ALA E 88 -16.45 39.49 9.46
CA ALA E 88 -16.66 40.80 8.88
C ALA E 88 -15.46 41.64 9.25
N ALA E 89 -14.77 42.16 8.24
CA ALA E 89 -13.67 43.11 8.45
C ALA E 89 -14.05 44.49 7.93
N THR E 90 -13.57 45.54 8.61
CA THR E 90 -13.85 46.90 8.13
C THR E 90 -12.55 47.68 7.97
N ASP E 91 -12.65 48.76 7.22
CA ASP E 91 -11.53 49.65 6.91
C ASP E 91 -11.92 51.10 7.15
N GLU E 92 -11.01 51.87 7.80
CA GLU E 92 -11.22 53.30 7.99
C GLU E 92 -10.69 54.08 6.81
N PRO E 93 -11.43 55.05 6.28
CA PRO E 93 -10.88 55.87 5.19
C PRO E 93 -9.70 56.68 5.71
N VAL E 94 -8.76 56.97 4.81
CA VAL E 94 -7.59 57.73 5.21
C VAL E 94 -8.04 59.15 5.52
N THR E 95 -7.30 59.82 6.41
CA THR E 95 -7.62 61.23 6.73
C THR E 95 -6.82 62.20 5.86
N SER F 1 -30.72 -10.00 -50.43
CA SER F 1 -29.87 -10.66 -49.42
C SER F 1 -28.36 -10.48 -49.65
N THR F 2 -27.62 -9.77 -48.80
CA THR F 2 -26.24 -9.49 -49.13
C THR F 2 -25.37 -9.73 -47.89
N GLY F 3 -24.06 -9.73 -48.10
CA GLY F 3 -23.13 -9.95 -47.00
C GLY F 3 -21.92 -9.02 -47.15
N ASP F 4 -21.12 -8.99 -46.09
CA ASP F 4 -19.98 -8.11 -45.98
C ASP F 4 -18.71 -8.93 -45.80
N VAL F 5 -17.59 -8.33 -46.18
CA VAL F 5 -16.28 -8.98 -46.04
C VAL F 5 -15.31 -7.92 -45.56
N THR F 6 -14.40 -8.31 -44.64
CA THR F 6 -13.31 -7.47 -44.18
C THR F 6 -12.01 -8.19 -44.46
N LEU F 7 -11.02 -7.46 -44.98
CA LEU F 7 -9.66 -7.97 -45.09
C LEU F 7 -8.77 -7.21 -44.12
N THR F 8 -7.87 -7.91 -43.45
CA THR F 8 -6.91 -7.27 -42.57
C THR F 8 -5.51 -7.58 -43.10
N LYS F 9 -4.67 -6.57 -43.17
CA LYS F 9 -3.35 -6.67 -43.80
C LYS F 9 -2.28 -6.45 -42.75
N THR F 10 -1.27 -7.34 -42.71
CA THR F 10 -0.18 -7.18 -41.77
C THR F 10 1.18 -7.39 -42.44
N ASP F 11 2.22 -6.94 -41.71
CA ASP F 11 3.61 -7.35 -41.93
C ASP F 11 3.76 -8.81 -41.46
N ALA F 12 4.16 -9.73 -42.35
CA ALA F 12 4.20 -11.12 -41.95
C ALA F 12 5.19 -11.36 -40.80
N THR F 13 6.19 -10.51 -40.64
CA THR F 13 7.20 -10.81 -39.62
C THR F 13 6.88 -10.19 -38.28
N THR F 14 6.14 -9.09 -38.24
CA THR F 14 5.83 -8.43 -36.97
C THR F 14 4.36 -8.55 -36.58
N LYS F 15 3.51 -9.01 -37.50
CA LYS F 15 2.05 -9.04 -37.38
C LYS F 15 1.46 -7.65 -37.16
N ALA F 16 2.21 -6.59 -37.46
CA ALA F 16 1.66 -5.25 -37.33
C ALA F 16 0.80 -4.88 -38.54
N ALA F 17 -0.29 -4.14 -38.29
CA ALA F 17 -1.16 -3.66 -39.36
C ALA F 17 -0.42 -2.74 -40.33
N LEU F 18 -0.73 -2.89 -41.62
CA LEU F 18 -0.20 -2.02 -42.67
C LEU F 18 -1.33 -1.24 -43.36
N ALA F 19 -1.18 0.08 -43.40
CA ALA F 19 -2.03 0.97 -44.20
C ALA F 19 -1.52 1.08 -45.63
N GLY F 20 -2.44 1.33 -46.54
CA GLY F 20 -2.04 1.64 -47.89
C GLY F 20 -1.85 0.46 -48.82
N ALA F 21 -2.13 -0.77 -48.40
CA ALA F 21 -2.14 -1.88 -49.35
C ALA F 21 -3.35 -1.73 -50.27
N VAL F 22 -3.19 -1.93 -51.57
CA VAL F 22 -4.27 -1.76 -52.55
C VAL F 22 -4.65 -3.11 -53.13
N TYR F 23 -5.96 -3.31 -53.29
CA TYR F 23 -6.56 -4.59 -53.68
C TYR F 23 -7.63 -4.41 -54.75
N GLU F 24 -7.72 -5.42 -55.62
CA GLU F 24 -8.88 -5.69 -56.45
C GLU F 24 -9.77 -6.73 -55.80
N LEU F 25 -11.09 -6.59 -56.00
CA LEU F 25 -12.06 -7.65 -55.73
C LEU F 25 -12.42 -8.28 -57.06
N GLN F 26 -12.25 -9.60 -57.17
CA GLN F 26 -12.56 -10.33 -58.39
C GLN F 26 -13.61 -11.36 -58.05
N ASP F 27 -14.32 -11.84 -59.08
CA ASP F 27 -15.10 -13.06 -58.89
C ASP F 27 -14.15 -14.24 -59.01
N ALA F 28 -14.68 -15.44 -58.81
CA ALA F 28 -13.81 -16.60 -58.73
C ALA F 28 -13.23 -16.99 -60.09
N THR F 29 -13.65 -16.35 -61.17
CA THR F 29 -13.02 -16.54 -62.47
C THR F 29 -11.91 -15.55 -62.72
N GLY F 30 -11.66 -14.61 -61.80
CA GLY F 30 -10.67 -13.57 -62.03
C GLY F 30 -11.20 -12.26 -62.60
N LYS F 31 -12.49 -12.18 -62.93
CA LYS F 31 -13.01 -10.95 -63.49
C LYS F 31 -13.00 -9.86 -62.42
N VAL F 32 -12.48 -8.69 -62.78
CA VAL F 32 -12.30 -7.62 -61.80
C VAL F 32 -13.63 -6.89 -61.63
N LEU F 33 -14.13 -6.80 -60.40
CA LEU F 33 -15.41 -6.16 -60.09
C LEU F 33 -15.25 -4.82 -59.40
N LYS F 34 -14.20 -4.67 -58.60
CA LYS F 34 -13.89 -3.43 -57.89
C LYS F 34 -12.38 -3.29 -57.86
N MET F 35 -11.89 -2.06 -57.88
CA MET F 35 -10.44 -1.88 -57.73
C MET F 35 -10.18 -0.70 -56.81
N GLY F 36 -8.93 -0.58 -56.38
CA GLY F 36 -8.47 0.49 -55.53
C GLY F 36 -8.86 0.37 -54.07
N LEU F 37 -9.27 -0.81 -53.63
CA LEU F 37 -9.69 -0.94 -52.23
C LEU F 37 -8.43 -0.83 -51.36
N THR F 38 -8.39 0.13 -50.42
CA THR F 38 -7.11 0.42 -49.76
C THR F 38 -7.20 0.23 -48.24
N THR F 39 -6.18 -0.36 -47.61
CA THR F 39 -6.29 -0.63 -46.18
C THR F 39 -6.03 0.63 -45.41
N ASP F 40 -6.70 0.75 -44.26
CA ASP F 40 -6.56 1.92 -43.40
C ASP F 40 -5.50 1.67 -42.30
N THR F 41 -5.47 2.55 -41.30
CA THR F 41 -4.37 2.46 -40.31
C THR F 41 -4.52 1.27 -39.36
N THR F 42 -5.70 0.65 -39.29
CA THR F 42 -5.81 -0.63 -38.59
C THR F 42 -5.57 -1.81 -39.50
N GLY F 43 -5.08 -1.57 -40.72
CA GLY F 43 -4.82 -2.64 -41.65
C GLY F 43 -6.05 -3.17 -42.36
N GLN F 44 -7.22 -2.52 -42.23
CA GLN F 44 -8.47 -3.13 -42.67
C GLN F 44 -9.07 -2.43 -43.89
N LEU F 45 -9.76 -3.21 -44.71
CA LEU F 45 -10.75 -2.64 -45.62
C LEU F 45 -12.00 -3.52 -45.54
N THR F 46 -13.15 -2.94 -45.86
CA THR F 46 -14.39 -3.70 -45.83
C THR F 46 -15.14 -3.41 -47.12
N VAL F 47 -15.73 -4.45 -47.72
CA VAL F 47 -16.72 -4.26 -48.79
C VAL F 47 -18.06 -4.77 -48.27
N SER F 48 -19.11 -3.96 -48.40
N SER F 48 -19.10 -3.96 -48.40
CA SER F 48 -20.42 -4.32 -47.87
CA SER F 48 -20.41 -4.37 -47.91
C SER F 48 -21.47 -4.33 -48.99
C SER F 48 -21.38 -4.53 -49.08
N GLY F 49 -22.50 -5.16 -48.80
CA GLY F 49 -23.58 -5.27 -49.79
C GLY F 49 -23.27 -6.19 -50.94
N LEU F 50 -22.35 -7.17 -50.77
CA LEU F 50 -22.05 -8.14 -51.82
C LEU F 50 -23.14 -9.20 -51.95
N THR F 51 -23.50 -9.55 -53.19
CA THR F 51 -24.43 -10.66 -53.35
C THR F 51 -23.72 -11.99 -53.11
N ALA F 52 -24.51 -13.02 -52.78
CA ALA F 52 -23.90 -14.34 -52.52
C ALA F 52 -23.06 -14.80 -53.73
N GLY F 53 -21.91 -15.40 -53.48
CA GLY F 53 -21.08 -15.81 -54.60
C GLY F 53 -19.69 -16.12 -54.11
N ASN F 54 -18.85 -16.55 -55.04
CA ASN F 54 -17.44 -16.83 -54.76
C ASN F 54 -16.57 -15.71 -55.29
N TYR F 55 -15.69 -15.17 -54.42
CA TYR F 55 -14.91 -13.98 -54.71
C TYR F 55 -13.44 -14.21 -54.38
N GLN F 56 -12.59 -13.25 -54.74
CA GLN F 56 -11.21 -13.31 -54.25
C GLN F 56 -10.59 -11.92 -54.28
N PHE F 57 -9.78 -11.61 -53.28
CA PHE F 57 -8.99 -10.37 -53.26
C PHE F 57 -7.64 -10.61 -53.92
N VAL F 58 -7.18 -9.64 -54.71
CA VAL F 58 -5.88 -9.72 -55.36
C VAL F 58 -5.12 -8.43 -55.05
N GLU F 59 -3.96 -8.55 -54.42
CA GLU F 59 -3.17 -7.37 -54.15
C GLU F 59 -2.71 -6.76 -55.47
N THR F 60 -2.86 -5.44 -55.58
CA THR F 60 -2.35 -4.73 -56.75
C THR F 60 -1.23 -3.77 -56.41
N LYS F 61 -1.12 -3.32 -55.16
CA LYS F 61 0.04 -2.53 -54.75
C LYS F 61 0.36 -2.82 -53.30
N ALA F 62 1.60 -3.34 -53.00
CA ALA F 62 1.95 -3.57 -51.60
C ALA F 62 2.36 -2.27 -50.94
N PRO F 63 2.21 -2.18 -49.62
CA PRO F 63 2.76 -1.03 -48.91
C PRO F 63 4.24 -0.89 -49.18
N SER F 64 4.67 0.37 -49.21
CA SER F 64 6.09 0.67 -49.45
C SER F 64 6.95 -0.13 -48.48
N GLY F 65 8.02 -0.74 -49.01
CA GLY F 65 8.89 -1.56 -48.19
C GLY F 65 8.50 -3.02 -48.16
N TYR F 66 7.46 -3.41 -48.90
CA TYR F 66 6.97 -4.79 -48.87
C TYR F 66 6.90 -5.35 -50.28
N GLN F 67 6.99 -6.68 -50.36
CA GLN F 67 6.90 -7.38 -51.64
C GLN F 67 5.44 -7.59 -52.08
N LEU F 68 5.17 -7.34 -53.35
CA LEU F 68 3.82 -7.60 -53.89
C LEU F 68 3.56 -9.10 -53.97
N ASN F 69 2.41 -9.56 -53.51
CA ASN F 69 2.03 -10.98 -53.63
C ASN F 69 0.63 -11.00 -54.22
N ALA F 70 0.51 -11.26 -55.53
CA ALA F 70 -0.79 -11.18 -56.18
C ALA F 70 -1.59 -12.47 -56.08
N ALA F 71 -1.19 -13.42 -55.21
CA ALA F 71 -1.95 -14.68 -55.10
C ALA F 71 -3.35 -14.39 -54.58
N PRO F 72 -4.40 -14.91 -55.20
CA PRO F 72 -5.77 -14.54 -54.80
C PRO F 72 -6.07 -15.11 -53.42
N LEU F 73 -6.81 -14.33 -52.68
CA LEU F 73 -7.31 -14.70 -51.36
C LEU F 73 -8.81 -14.92 -51.50
N SER F 74 -9.22 -16.18 -51.47
CA SER F 74 -10.58 -16.57 -51.80
C SER F 74 -11.53 -16.45 -50.61
N PHE F 75 -12.78 -16.13 -50.91
CA PHE F 75 -13.80 -16.20 -49.87
C PHE F 75 -15.16 -16.35 -50.52
N THR F 76 -16.12 -16.77 -49.73
CA THR F 76 -17.47 -16.98 -50.20
C THR F 76 -18.44 -16.15 -49.37
N ILE F 77 -19.35 -15.45 -50.06
CA ILE F 77 -20.50 -14.83 -49.39
C ILE F 77 -21.66 -15.81 -49.51
N LYS F 78 -22.24 -16.21 -48.35
CA LYS F 78 -23.30 -17.22 -48.46
C LYS F 78 -24.67 -16.56 -48.48
N PRO F 79 -25.68 -17.25 -49.01
CA PRO F 79 -26.98 -16.61 -49.26
C PRO F 79 -27.59 -15.89 -48.07
N ASN F 80 -27.71 -16.50 -46.91
CA ASN F 80 -28.32 -15.70 -45.85
C ASN F 80 -27.29 -15.56 -44.73
N GLN F 81 -26.14 -15.02 -45.09
CA GLN F 81 -25.02 -14.91 -44.18
C GLN F 81 -25.34 -13.93 -43.05
N THR F 82 -25.06 -14.31 -41.82
CA THR F 82 -25.37 -13.49 -40.67
C THR F 82 -24.11 -12.92 -40.01
N ALA F 83 -22.93 -13.34 -40.42
CA ALA F 83 -21.70 -12.78 -39.86
C ALA F 83 -20.81 -12.28 -40.98
N VAL F 84 -20.00 -11.26 -40.69
CA VAL F 84 -19.04 -10.80 -41.68
C VAL F 84 -18.02 -11.92 -41.97
N VAL F 85 -17.63 -12.04 -43.24
CA VAL F 85 -16.49 -12.87 -43.61
C VAL F 85 -15.22 -12.05 -43.44
N THR F 86 -14.19 -12.61 -42.80
CA THR F 86 -13.11 -11.70 -42.47
C THR F 86 -11.80 -12.42 -42.60
N VAL F 87 -10.98 -11.97 -43.57
CA VAL F 87 -9.81 -12.68 -44.11
C VAL F 87 -8.53 -11.91 -43.78
N ALA F 88 -7.44 -12.65 -43.68
CA ALA F 88 -6.16 -12.09 -43.24
C ALA F 88 -5.16 -12.22 -44.38
N ALA F 89 -4.57 -11.10 -44.80
CA ALA F 89 -3.51 -11.08 -45.80
C ALA F 89 -2.21 -10.63 -45.14
N THR F 90 -1.07 -11.15 -45.60
CA THR F 90 0.21 -10.73 -45.03
C THR F 90 1.16 -10.28 -46.13
N ASP F 91 2.20 -9.56 -45.74
CA ASP F 91 3.17 -8.99 -46.69
C ASP F 91 4.57 -9.19 -46.15
N GLU F 92 5.49 -9.71 -47.03
N GLU F 92 5.46 -9.66 -47.01
CA GLU F 92 6.90 -9.89 -46.61
CA GLU F 92 6.85 -9.84 -46.60
C GLU F 92 7.70 -8.62 -46.88
C GLU F 92 7.65 -8.56 -46.86
N PRO F 93 8.48 -8.13 -45.91
CA PRO F 93 9.41 -7.02 -46.20
C PRO F 93 10.29 -7.36 -47.40
N VAL F 94 10.71 -6.33 -48.13
CA VAL F 94 11.60 -6.54 -49.29
C VAL F 94 12.98 -6.98 -48.80
N THR F 95 13.74 -7.62 -49.73
CA THR F 95 15.12 -8.18 -49.57
C THR F 95 15.04 -9.62 -49.10
N SER G 1 4.71 4.08 26.61
CA SER G 1 4.46 2.89 25.82
C SER G 1 5.56 2.70 24.77
N THR G 2 6.21 1.54 24.72
CA THR G 2 6.93 1.16 23.51
C THR G 2 6.45 -0.22 23.10
N GLY G 3 6.76 -0.62 21.85
CA GLY G 3 6.26 -1.85 21.30
C GLY G 3 7.36 -2.61 20.60
N ASP G 4 7.06 -3.87 20.28
CA ASP G 4 8.01 -4.77 19.64
C ASP G 4 7.50 -5.23 18.28
N VAL G 5 8.45 -5.62 17.41
CA VAL G 5 8.12 -6.17 16.10
C VAL G 5 9.05 -7.35 15.84
N THR G 6 8.52 -8.38 15.19
CA THR G 6 9.32 -9.53 14.76
C THR G 6 9.11 -9.74 13.27
N LEU G 7 10.21 -9.91 12.53
CA LEU G 7 10.18 -10.24 11.12
C LEU G 7 10.65 -11.68 10.97
N THR G 8 10.00 -12.44 10.08
N THR G 8 9.93 -12.45 10.16
CA THR G 8 10.40 -13.81 9.78
CA THR G 8 10.36 -13.78 9.73
C THR G 8 10.67 -13.93 8.29
C THR G 8 10.80 -13.71 8.28
N LYS G 9 11.83 -14.48 7.95
CA LYS G 9 12.38 -14.47 6.60
C LYS G 9 12.43 -15.90 6.09
N THR G 10 11.87 -16.16 4.89
CA THR G 10 11.96 -17.52 4.36
C THR G 10 12.42 -17.50 2.92
N ASP G 11 12.79 -18.68 2.45
CA ASP G 11 12.86 -19.02 1.04
C ASP G 11 11.41 -19.14 0.51
N ALA G 12 11.06 -18.31 -0.48
CA ALA G 12 9.69 -18.30 -1.00
C ALA G 12 9.26 -19.67 -1.55
N THR G 13 10.20 -20.49 -2.04
CA THR G 13 9.79 -21.73 -2.71
C THR G 13 9.70 -22.90 -1.76
N THR G 14 10.44 -22.90 -0.65
CA THR G 14 10.40 -23.99 0.29
C THR G 14 9.74 -23.61 1.61
N LYS G 15 9.53 -22.32 1.88
CA LYS G 15 9.09 -21.81 3.18
C LYS G 15 10.09 -22.08 4.31
N ALA G 16 11.35 -22.39 3.98
CA ALA G 16 12.36 -22.64 5.03
C ALA G 16 12.96 -21.34 5.49
N ALA G 17 13.25 -21.25 6.80
CA ALA G 17 13.82 -20.05 7.40
C ALA G 17 15.21 -19.76 6.81
N LEU G 18 15.52 -18.47 6.63
CA LEU G 18 16.84 -18.03 6.15
C LEU G 18 17.54 -17.15 7.17
N ALA G 19 18.80 -17.49 7.49
CA ALA G 19 19.68 -16.69 8.34
C ALA G 19 20.45 -15.69 7.48
N GLY G 20 20.83 -14.57 8.09
CA GLY G 20 21.81 -13.67 7.43
C GLY G 20 21.19 -12.71 6.45
N ALA G 21 19.86 -12.65 6.36
CA ALA G 21 19.26 -11.55 5.62
C ALA G 21 19.40 -10.27 6.43
N VAL G 22 19.77 -9.17 5.76
CA VAL G 22 20.05 -7.91 6.45
C VAL G 22 18.98 -6.89 6.08
N TYR G 23 18.53 -6.12 7.09
CA TYR G 23 17.47 -5.12 6.92
C TYR G 23 17.83 -3.78 7.56
N GLU G 24 17.35 -2.70 6.92
N GLU G 24 17.30 -2.71 6.99
CA GLU G 24 17.13 -1.40 7.54
CA GLU G 24 17.23 -1.46 7.73
C GLU G 24 15.73 -1.33 8.17
C GLU G 24 15.77 -1.16 8.07
N LEU G 25 15.59 -0.49 9.20
CA LEU G 25 14.30 -0.05 9.71
C LEU G 25 14.13 1.43 9.39
N GLN G 26 13.04 1.77 8.66
CA GLN G 26 12.80 3.14 8.27
C GLN G 26 11.46 3.58 8.89
N ASP G 27 11.30 4.89 9.04
CA ASP G 27 9.96 5.37 9.42
C ASP G 27 9.06 5.34 8.19
N ALA G 28 7.82 5.84 8.34
CA ALA G 28 6.85 5.66 7.26
C ALA G 28 7.21 6.49 6.03
N THR G 29 8.09 7.47 6.17
CA THR G 29 8.49 8.27 5.03
C THR G 29 9.75 7.73 4.36
N GLY G 30 10.33 6.64 4.85
CA GLY G 30 11.56 6.13 4.25
C GLY G 30 12.85 6.54 4.96
N LYS G 31 12.77 7.35 6.02
N LYS G 31 12.80 7.40 5.99
CA LYS G 31 13.96 7.80 6.76
CA LYS G 31 14.03 7.81 6.66
C LYS G 31 14.60 6.63 7.52
C LYS G 31 14.61 6.65 7.47
N VAL G 32 15.89 6.36 7.29
CA VAL G 32 16.52 5.22 7.94
C VAL G 32 16.77 5.54 9.41
N LEU G 33 16.26 4.67 10.30
CA LEU G 33 16.40 4.80 11.75
C LEU G 33 17.39 3.80 12.34
N LYS G 34 17.44 2.58 11.79
CA LYS G 34 18.38 1.53 12.25
C LYS G 34 18.84 0.75 11.03
N MET G 35 20.06 0.19 11.07
CA MET G 35 20.49 -0.59 9.91
C MET G 35 21.24 -1.84 10.39
N GLY G 36 21.42 -2.83 9.52
CA GLY G 36 22.24 -3.97 9.96
C GLY G 36 21.49 -5.04 10.71
N LEU G 37 20.15 -4.99 10.73
CA LEU G 37 19.34 -5.94 11.48
C LEU G 37 19.34 -7.25 10.72
N THR G 38 19.75 -8.33 11.36
CA THR G 38 20.07 -9.54 10.61
C THR G 38 19.27 -10.72 11.16
N THR G 39 18.73 -11.56 10.28
CA THR G 39 17.93 -12.68 10.77
C THR G 39 18.82 -13.81 11.29
N ASP G 40 18.28 -14.54 12.23
CA ASP G 40 19.02 -15.65 12.87
C ASP G 40 18.66 -17.00 12.22
N THR G 41 19.07 -18.13 12.85
CA THR G 41 18.85 -19.43 12.19
C THR G 41 17.38 -19.86 12.17
N THR G 42 16.49 -19.23 12.98
CA THR G 42 15.04 -19.46 12.84
C THR G 42 14.40 -18.51 11.83
N GLY G 43 15.22 -17.72 11.15
CA GLY G 43 14.72 -16.76 10.17
C GLY G 43 14.20 -15.49 10.79
N GLN G 44 14.44 -15.26 12.07
CA GLN G 44 13.78 -14.15 12.74
C GLN G 44 14.72 -13.03 13.13
N LEU G 45 14.15 -11.83 13.21
CA LEU G 45 14.77 -10.75 13.94
C LEU G 45 13.67 -10.01 14.67
N THR G 46 14.05 -9.40 15.79
CA THR G 46 13.07 -8.69 16.60
C THR G 46 13.68 -7.35 16.97
N VAL G 47 12.86 -6.30 16.91
CA VAL G 47 13.27 -4.99 17.39
C VAL G 47 12.33 -4.64 18.54
N SER G 48 12.88 -4.29 19.69
N SER G 48 12.89 -4.29 19.69
CA SER G 48 12.04 -3.92 20.83
CA SER G 48 12.06 -3.93 20.85
C SER G 48 12.22 -2.44 21.17
C SER G 48 12.23 -2.45 21.19
N GLY G 49 11.27 -1.92 21.96
CA GLY G 49 11.42 -0.57 22.44
C GLY G 49 11.08 0.51 21.44
N LEU G 50 10.31 0.18 20.38
CA LEU G 50 9.91 1.17 19.37
C LEU G 50 8.78 2.04 19.88
N THR G 51 8.89 3.36 19.72
CA THR G 51 7.77 4.22 20.09
C THR G 51 6.64 4.05 19.08
N ALA G 52 5.41 4.38 19.48
CA ALA G 52 4.29 4.24 18.55
C ALA G 52 4.54 5.02 17.26
N GLY G 53 4.16 4.41 16.13
CA GLY G 53 4.38 5.03 14.83
C GLY G 53 4.28 4.03 13.70
N ASN G 54 4.47 4.52 12.48
CA ASN G 54 4.43 3.65 11.32
C ASN G 54 5.83 3.49 10.77
N TYR G 55 6.24 2.24 10.52
CA TYR G 55 7.60 1.91 10.13
C TYR G 55 7.60 1.01 8.90
N GLN G 56 8.80 0.76 8.34
CA GLN G 56 8.90 -0.25 7.29
C GLN G 56 10.29 -0.89 7.35
N PHE G 57 10.35 -2.20 7.12
CA PHE G 57 11.64 -2.90 6.93
C PHE G 57 11.97 -2.89 5.45
N VAL G 58 13.25 -2.70 5.14
CA VAL G 58 13.75 -2.72 3.78
C VAL G 58 14.98 -3.62 3.74
N GLU G 59 14.94 -4.66 2.92
CA GLU G 59 16.10 -5.56 2.79
C GLU G 59 17.27 -4.80 2.16
N THR G 60 18.45 -4.94 2.75
CA THR G 60 19.67 -4.36 2.20
C THR G 60 20.66 -5.42 1.73
N LYS G 61 20.58 -6.64 2.25
CA LYS G 61 21.37 -7.72 1.68
C LYS G 61 20.57 -8.99 1.80
N ALA G 62 20.34 -9.67 0.69
CA ALA G 62 19.67 -10.97 0.72
C ALA G 62 20.65 -12.07 1.10
N PRO G 63 20.16 -13.16 1.70
CA PRO G 63 21.03 -14.32 1.94
C PRO G 63 21.65 -14.81 0.65
N SER G 64 22.89 -15.32 0.78
N SER G 64 22.91 -15.26 0.74
CA SER G 64 23.59 -15.81 -0.39
CA SER G 64 23.58 -15.68 -0.47
C SER G 64 22.73 -16.84 -1.12
C SER G 64 22.79 -16.81 -1.12
N GLY G 65 22.62 -16.71 -2.44
CA GLY G 65 21.79 -17.62 -3.21
C GLY G 65 20.42 -17.06 -3.52
N TYR G 66 20.12 -15.85 -3.02
CA TYR G 66 18.78 -15.28 -3.15
C TYR G 66 18.85 -13.87 -3.73
N GLN G 67 17.73 -13.48 -4.36
CA GLN G 67 17.63 -12.15 -4.97
C GLN G 67 17.28 -11.11 -3.93
N LEU G 68 17.97 -10.00 -3.99
CA LEU G 68 17.63 -8.84 -3.19
C LEU G 68 16.26 -8.30 -3.62
N ASN G 69 15.41 -8.03 -2.66
CA ASN G 69 14.13 -7.38 -2.94
C ASN G 69 13.94 -6.31 -1.86
N ALA G 70 14.14 -5.05 -2.25
CA ALA G 70 14.10 -3.93 -1.33
C ALA G 70 12.70 -3.36 -1.14
N ALA G 71 11.67 -4.04 -1.61
CA ALA G 71 10.30 -3.51 -1.40
C ALA G 71 9.98 -3.38 0.11
N PRO G 72 9.44 -2.26 0.56
CA PRO G 72 9.20 -2.10 2.00
C PRO G 72 8.16 -3.07 2.51
N LEU G 73 8.38 -3.50 3.74
CA LEU G 73 7.43 -4.28 4.53
C LEU G 73 6.96 -3.41 5.69
N SER G 74 5.73 -2.86 5.60
CA SER G 74 5.25 -1.83 6.51
C SER G 74 4.64 -2.45 7.76
N PHE G 75 4.68 -1.69 8.85
CA PHE G 75 3.94 -2.13 10.05
C PHE G 75 3.69 -0.90 10.93
N THR G 76 2.75 -1.06 11.87
CA THR G 76 2.33 -0.03 12.80
C THR G 76 2.59 -0.53 14.23
N ILE G 77 3.24 0.30 15.05
CA ILE G 77 3.37 0.09 16.49
C ILE G 77 2.31 0.97 17.12
N LYS G 78 1.40 0.40 17.83
CA LYS G 78 0.31 1.24 18.36
C LYS G 78 0.65 1.68 19.79
N PRO G 79 0.05 2.76 20.28
CA PRO G 79 0.23 3.14 21.68
C PRO G 79 -0.28 2.05 22.60
N ASN G 80 0.41 1.81 23.70
CA ASN G 80 -0.02 0.79 24.68
C ASN G 80 -0.18 -0.58 24.01
N GLN G 81 0.75 -0.90 23.10
N GLN G 81 0.72 -0.89 23.10
CA GLN G 81 0.79 -2.20 22.43
CA GLN G 81 0.67 -2.17 22.39
C GLN G 81 0.73 -3.32 23.44
C GLN G 81 0.74 -3.32 23.37
N THR G 82 -0.15 -4.29 23.22
CA THR G 82 -0.15 -5.45 24.10
C THR G 82 0.29 -6.74 23.44
N ALA G 83 0.47 -6.76 22.12
CA ALA G 83 0.93 -7.93 21.38
C ALA G 83 2.02 -7.50 20.42
N VAL G 84 2.97 -8.40 20.19
CA VAL G 84 4.03 -8.12 19.22
C VAL G 84 3.42 -8.06 17.84
N VAL G 85 3.93 -7.16 17.00
CA VAL G 85 3.57 -7.08 15.59
C VAL G 85 4.50 -7.98 14.83
N THR G 86 3.96 -8.78 13.91
N THR G 86 4.02 -8.79 13.87
CA THR G 86 4.80 -9.68 13.16
CA THR G 86 4.95 -9.80 13.34
C THR G 86 4.65 -9.41 11.68
C THR G 86 4.72 -10.04 11.84
N VAL G 87 5.75 -9.59 10.99
CA VAL G 87 5.69 -9.50 9.53
C VAL G 87 6.48 -10.67 8.91
N ALA G 88 6.04 -11.10 7.73
CA ALA G 88 6.68 -12.22 7.05
C ALA G 88 7.27 -11.74 5.74
N ALA G 89 8.56 -11.94 5.56
CA ALA G 89 9.23 -11.57 4.32
C ALA G 89 9.75 -12.83 3.63
N THR G 90 9.76 -12.85 2.28
CA THR G 90 10.25 -14.04 1.53
C THR G 90 11.33 -13.60 0.55
N ASP G 91 12.10 -14.58 0.05
CA ASP G 91 13.23 -14.34 -0.84
C ASP G 91 13.18 -15.35 -1.95
N GLU G 92 13.38 -14.90 -3.17
N GLU G 92 13.40 -14.90 -3.17
CA GLU G 92 13.37 -15.82 -4.30
CA GLU G 92 13.38 -15.76 -4.34
C GLU G 92 14.80 -16.29 -4.56
C GLU G 92 14.80 -16.28 -4.60
N PRO G 93 14.99 -17.58 -4.78
CA PRO G 93 16.31 -18.07 -5.19
C PRO G 93 16.76 -17.41 -6.49
N VAL G 94 18.08 -17.20 -6.60
CA VAL G 94 18.62 -16.65 -7.83
C VAL G 94 18.40 -17.65 -8.97
N THR G 95 18.26 -17.12 -10.17
CA THR G 95 18.09 -17.92 -11.38
C THR G 95 19.42 -18.54 -11.82
N SER H 1 15.77 -38.88 10.11
N SER H 1 15.71 -38.69 9.38
CA SER H 1 15.73 -37.43 10.14
CA SER H 1 15.72 -37.42 10.08
C SER H 1 14.28 -36.95 10.29
C SER H 1 14.31 -36.82 10.13
N THR H 2 14.10 -35.84 10.99
CA THR H 2 12.80 -35.18 11.10
C THR H 2 13.00 -33.67 10.98
N GLY H 3 11.89 -32.93 10.93
CA GLY H 3 11.98 -31.50 10.77
C GLY H 3 10.90 -30.84 11.61
N ASP H 4 11.04 -29.53 11.79
CA ASP H 4 10.12 -28.75 12.61
C ASP H 4 9.39 -27.74 11.72
N VAL H 5 8.23 -27.28 12.21
CA VAL H 5 7.50 -26.24 11.51
C VAL H 5 6.97 -25.28 12.55
N THR H 6 6.93 -23.98 12.20
CA THR H 6 6.33 -22.96 13.06
C THR H 6 5.28 -22.21 12.23
N LEU H 7 4.12 -21.98 12.81
CA LEU H 7 3.08 -21.15 12.21
C LEU H 7 2.96 -19.88 13.03
N THR H 8 2.86 -18.72 12.37
CA THR H 8 2.62 -17.48 13.11
C THR H 8 1.28 -16.90 12.64
N LYS H 9 0.49 -16.43 13.58
CA LYS H 9 -0.91 -16.01 13.32
C LYS H 9 -1.06 -14.53 13.62
N THR H 10 -1.69 -13.76 12.71
CA THR H 10 -1.86 -12.33 12.92
C THR H 10 -3.30 -11.90 12.62
N ASP H 11 -3.65 -10.72 13.15
CA ASP H 11 -4.80 -9.91 12.68
C ASP H 11 -4.39 -9.35 11.32
N ALA H 12 -5.18 -9.61 10.25
CA ALA H 12 -4.77 -9.12 8.92
C ALA H 12 -4.69 -7.59 8.84
N THR H 13 -5.53 -6.87 9.60
CA THR H 13 -5.50 -5.42 9.51
C THR H 13 -4.29 -4.83 10.24
N THR H 14 -4.00 -5.31 11.44
CA THR H 14 -2.99 -4.65 12.27
C THR H 14 -1.62 -5.37 12.22
N LYS H 15 -1.59 -6.58 11.67
CA LYS H 15 -0.41 -7.50 11.74
C LYS H 15 0.00 -7.85 13.17
N ALA H 16 -0.87 -7.62 14.13
CA ALA H 16 -0.58 -8.04 15.51
C ALA H 16 -0.73 -9.55 15.67
N ALA H 17 0.16 -10.14 16.49
CA ALA H 17 0.08 -11.56 16.83
C ALA H 17 -1.22 -11.85 17.55
N LEU H 18 -1.82 -13.00 17.23
CA LEU H 18 -3.06 -13.43 17.92
C LEU H 18 -2.83 -14.74 18.66
N ALA H 19 -3.17 -14.73 19.93
CA ALA H 19 -3.18 -15.93 20.75
C ALA H 19 -4.52 -16.66 20.63
N GLY H 20 -4.48 -17.97 20.82
CA GLY H 20 -5.75 -18.70 20.95
C GLY H 20 -6.38 -19.13 19.63
N ALA H 21 -5.70 -18.94 18.50
CA ALA H 21 -6.12 -19.56 17.25
C ALA H 21 -5.81 -21.04 17.31
N VAL H 22 -6.77 -21.89 16.91
CA VAL H 22 -6.63 -23.35 17.01
C VAL H 22 -6.58 -23.94 15.61
N TYR H 23 -5.66 -24.89 15.42
CA TYR H 23 -5.36 -25.56 14.16
C TYR H 23 -5.33 -27.08 14.27
N GLU H 24 -5.64 -27.73 13.16
CA GLU H 24 -5.32 -29.13 12.89
C GLU H 24 -4.11 -29.16 11.99
N LEU H 25 -3.29 -30.21 12.16
CA LEU H 25 -2.27 -30.57 11.17
C LEU H 25 -2.80 -31.74 10.38
N GLN H 26 -2.81 -31.60 9.04
CA GLN H 26 -3.28 -32.65 8.15
C GLN H 26 -2.13 -33.08 7.24
N ASP H 27 -2.24 -34.33 6.75
CA ASP H 27 -1.40 -34.66 5.61
C ASP H 27 -1.97 -34.01 4.35
N ALA H 28 -1.24 -34.13 3.24
CA ALA H 28 -1.68 -33.43 2.03
C ALA H 28 -2.96 -34.00 1.45
N THR H 29 -3.42 -35.19 1.87
CA THR H 29 -4.75 -35.61 1.45
C THR H 29 -5.87 -35.10 2.34
N GLY H 30 -5.57 -34.38 3.42
CA GLY H 30 -6.62 -33.91 4.31
C GLY H 30 -6.84 -34.77 5.55
N LYS H 31 -6.11 -35.89 5.67
CA LYS H 31 -6.22 -36.72 6.86
C LYS H 31 -5.71 -35.97 8.09
N VAL H 32 -6.52 -35.88 9.14
CA VAL H 32 -6.09 -35.15 10.34
C VAL H 32 -5.07 -35.99 11.10
N LEU H 33 -3.89 -35.41 11.36
CA LEU H 33 -2.84 -36.09 12.13
C LEU H 33 -2.70 -35.56 13.55
N LYS H 34 -2.93 -34.27 13.77
CA LYS H 34 -2.89 -33.65 15.11
C LYS H 34 -3.99 -32.62 15.14
N MET H 35 -4.54 -32.36 16.33
N MET H 35 -4.55 -32.38 16.32
CA MET H 35 -5.56 -31.32 16.45
CA MET H 35 -5.59 -31.33 16.45
C MET H 35 -5.36 -30.57 17.75
C MET H 35 -5.30 -30.53 17.72
N GLY H 36 -5.98 -29.39 17.84
CA GLY H 36 -5.90 -28.60 19.06
C GLY H 36 -4.66 -27.75 19.20
N LEU H 37 -3.89 -27.57 18.11
CA LEU H 37 -2.65 -26.80 18.20
C LEU H 37 -2.99 -25.32 18.30
N THR H 38 -2.56 -24.67 19.37
CA THR H 38 -3.07 -23.35 19.75
C THR H 38 -1.95 -22.32 19.77
N THR H 39 -2.16 -21.17 19.13
CA THR H 39 -1.11 -20.12 19.11
C THR H 39 -0.97 -19.45 20.48
N ASP H 40 0.27 -19.05 20.81
CA ASP H 40 0.60 -18.48 22.12
C ASP H 40 0.56 -16.94 22.00
N THR H 41 1.05 -16.20 23.02
CA THR H 41 0.91 -14.74 22.98
C THR H 41 1.79 -14.08 21.95
N THR H 42 2.81 -14.78 21.40
CA THR H 42 3.52 -14.23 20.25
C THR H 42 2.93 -14.69 18.93
N GLY H 43 1.72 -15.25 18.96
CA GLY H 43 1.08 -15.67 17.70
C GLY H 43 1.58 -16.99 17.17
N GLN H 44 2.45 -17.73 17.90
CA GLN H 44 3.14 -18.86 17.31
C GLN H 44 2.64 -20.19 17.87
N LEU H 45 2.73 -21.21 17.01
CA LEU H 45 2.76 -22.60 17.48
C LEU H 45 3.85 -23.32 16.68
N THR H 46 4.43 -24.36 17.30
CA THR H 46 5.48 -25.11 16.63
C THR H 46 5.16 -26.59 16.77
N VAL H 47 5.38 -27.34 15.68
CA VAL H 47 5.31 -28.81 15.73
C VAL H 47 6.71 -29.29 15.39
N SER H 48 7.25 -30.19 16.19
N SER H 48 7.28 -30.13 16.24
CA SER H 48 8.63 -30.63 16.01
CA SER H 48 8.64 -30.63 16.06
C SER H 48 8.66 -32.13 15.88
C SER H 48 8.60 -32.12 15.75
N GLY H 49 9.70 -32.62 15.20
CA GLY H 49 9.86 -34.05 15.06
C GLY H 49 9.00 -34.69 13.99
N LEU H 50 8.61 -33.93 12.96
CA LEU H 50 7.79 -34.43 11.84
C LEU H 50 8.66 -35.17 10.84
N THR H 51 8.18 -36.35 10.38
CA THR H 51 8.88 -37.02 9.28
C THR H 51 8.71 -36.23 7.99
N ALA H 52 9.65 -36.42 7.06
CA ALA H 52 9.56 -35.75 5.75
C ALA H 52 8.21 -36.03 5.09
N GLY H 53 7.63 -35.02 4.45
CA GLY H 53 6.34 -35.25 3.82
C GLY H 53 5.69 -33.93 3.49
N ASN H 54 4.51 -34.02 2.85
CA ASN H 54 3.68 -32.88 2.51
C ASN H 54 2.50 -32.79 3.49
N TYR H 55 2.34 -31.63 4.12
CA TYR H 55 1.38 -31.40 5.20
C TYR H 55 0.59 -30.13 4.95
N GLN H 56 -0.42 -29.87 5.81
CA GLN H 56 -1.13 -28.60 5.74
C GLN H 56 -1.77 -28.30 7.07
N PHE H 57 -1.74 -27.04 7.47
CA PHE H 57 -2.48 -26.56 8.64
C PHE H 57 -3.88 -26.11 8.19
N VAL H 58 -4.87 -26.36 9.03
CA VAL H 58 -6.25 -25.95 8.76
C VAL H 58 -6.78 -25.35 10.07
N GLU H 59 -7.17 -24.10 10.01
CA GLU H 59 -7.71 -23.45 11.19
C GLU H 59 -9.05 -24.12 11.57
N THR H 60 -9.23 -24.36 12.86
CA THR H 60 -10.47 -24.93 13.38
C THR H 60 -11.19 -23.98 14.30
N LYS H 61 -10.51 -23.02 14.91
CA LYS H 61 -11.20 -21.96 15.64
C LYS H 61 -10.40 -20.68 15.48
N ALA H 62 -11.05 -19.62 14.99
CA ALA H 62 -10.33 -18.35 14.90
C ALA H 62 -10.42 -17.64 16.25
N PRO H 63 -9.49 -16.73 16.53
CA PRO H 63 -9.57 -15.97 17.81
C PRO H 63 -10.86 -15.17 17.85
N SER H 64 -11.31 -14.88 19.08
CA SER H 64 -12.57 -14.14 19.21
C SER H 64 -12.46 -12.77 18.54
N GLY H 65 -13.49 -12.42 17.80
CA GLY H 65 -13.47 -11.21 17.01
C GLY H 65 -12.97 -11.38 15.59
N TYR H 66 -12.67 -12.61 15.15
CA TYR H 66 -12.12 -12.82 13.81
C TYR H 66 -12.91 -13.91 13.12
N GLN H 67 -12.85 -13.91 11.78
N GLN H 67 -12.84 -13.93 11.78
CA GLN H 67 -13.58 -14.88 10.96
CA GLN H 67 -13.61 -14.88 10.98
C GLN H 67 -12.75 -16.14 10.72
C GLN H 67 -12.79 -16.12 10.66
N LEU H 68 -13.38 -17.28 10.91
CA LEU H 68 -12.71 -18.53 10.61
C LEU H 68 -12.40 -18.61 9.11
N ASN H 69 -11.19 -19.04 8.77
CA ASN H 69 -10.81 -19.31 7.38
C ASN H 69 -10.09 -20.64 7.38
N ALA H 70 -10.81 -21.68 6.95
CA ALA H 70 -10.24 -23.03 7.05
C ALA H 70 -9.43 -23.43 5.81
N ALA H 71 -9.08 -22.47 4.95
CA ALA H 71 -8.28 -22.79 3.77
C ALA H 71 -6.94 -23.39 4.24
N PRO H 72 -6.51 -24.51 3.66
CA PRO H 72 -5.26 -25.17 4.13
C PRO H 72 -4.05 -24.33 3.81
N LEU H 73 -3.08 -24.39 4.70
N LEU H 73 -3.08 -24.36 4.73
CA LEU H 73 -1.80 -23.73 4.51
CA LEU H 73 -1.78 -23.72 4.56
C LEU H 73 -0.77 -24.83 4.36
C LEU H 73 -0.78 -24.85 4.37
N SER H 74 -0.29 -25.02 3.13
CA SER H 74 0.53 -26.16 2.75
C SER H 74 1.98 -25.92 3.17
N PHE H 75 2.67 -27.00 3.53
CA PHE H 75 4.12 -26.91 3.70
C PHE H 75 4.70 -28.31 3.52
N THR H 76 6.03 -28.36 3.29
CA THR H 76 6.72 -29.62 3.07
C THR H 76 7.89 -29.71 4.04
N ILE H 77 8.01 -30.85 4.72
CA ILE H 77 9.22 -31.17 5.48
C ILE H 77 10.11 -31.99 4.55
N LYS H 78 11.37 -31.50 4.31
CA LYS H 78 12.24 -32.26 3.44
C LYS H 78 13.12 -33.20 4.24
N PRO H 79 13.56 -34.29 3.59
CA PRO H 79 14.52 -35.20 4.22
C PRO H 79 15.76 -34.42 4.58
N ASN H 80 16.32 -34.72 5.76
CA ASN H 80 17.49 -34.01 6.28
C ASN H 80 17.35 -32.49 6.23
N GLN H 81 16.15 -31.95 6.44
CA GLN H 81 16.07 -30.50 6.40
C GLN H 81 16.82 -29.91 7.61
N THR H 82 17.40 -28.74 7.39
CA THR H 82 18.29 -28.15 8.37
C THR H 82 17.78 -26.85 9.00
N ALA H 83 16.72 -26.28 8.48
CA ALA H 83 16.12 -25.08 9.02
C ALA H 83 14.64 -25.33 9.24
N VAL H 84 14.07 -24.66 10.25
CA VAL H 84 12.65 -24.77 10.51
C VAL H 84 11.87 -24.21 9.31
N VAL H 85 10.73 -24.84 8.98
CA VAL H 85 9.80 -24.30 7.97
C VAL H 85 8.85 -23.40 8.73
N THR H 86 8.63 -22.22 8.20
N THR H 86 8.51 -22.24 8.21
CA THR H 86 7.70 -21.29 8.82
CA THR H 86 7.83 -21.28 9.09
C THR H 86 6.59 -20.94 7.87
C THR H 86 6.81 -20.49 8.25
N VAL H 87 5.46 -20.76 8.47
CA VAL H 87 4.31 -20.35 7.67
C VAL H 87 3.52 -19.25 8.36
N ALA H 88 2.95 -18.37 7.57
CA ALA H 88 2.32 -17.19 8.12
C ALA H 88 0.82 -17.31 7.80
N ALA H 89 -0.02 -17.26 8.84
CA ALA H 89 -1.49 -17.31 8.72
C ALA H 89 -2.09 -16.00 9.18
N THR H 90 -3.26 -15.61 8.62
CA THR H 90 -3.84 -14.36 9.06
C THR H 90 -5.35 -14.52 9.15
N ASP H 91 -5.98 -13.54 9.81
CA ASP H 91 -7.38 -13.63 10.20
C ASP H 91 -8.00 -12.26 9.97
N GLU H 92 -9.12 -12.26 9.24
CA GLU H 92 -9.91 -11.04 9.09
C GLU H 92 -10.69 -10.72 10.36
N PRO H 93 -10.63 -9.49 10.83
CA PRO H 93 -11.51 -9.08 11.90
C PRO H 93 -12.93 -9.06 11.38
N VAL H 94 -13.83 -9.39 12.26
CA VAL H 94 -15.25 -9.57 11.94
C VAL H 94 -16.01 -8.31 12.29
N THR H 95 -17.29 -8.29 11.88
CA THR H 95 -18.43 -7.77 12.64
C THR H 95 -19.69 -8.40 12.06
N GLU H 96 -20.57 -8.91 12.93
CA GLU H 96 -21.82 -9.49 12.43
C GLU H 96 -22.68 -8.40 11.79
N PRO H 97 -23.30 -8.66 10.61
CA PRO H 97 -24.10 -7.69 9.83
C PRO H 97 -25.20 -6.98 10.63
N SER I 1 -22.26 -1.06 1.16
CA SER I 1 -21.05 -0.53 1.79
C SER I 1 -19.79 -1.17 1.21
N THR I 2 -19.19 -0.47 0.28
CA THR I 2 -17.95 -0.92 -0.34
C THR I 2 -17.01 0.27 -0.39
N GLY I 3 -15.77 0.02 -0.82
CA GLY I 3 -14.77 1.07 -0.83
C GLY I 3 -13.88 0.97 -2.03
N ASP I 4 -13.08 2.02 -2.22
CA ASP I 4 -12.24 2.12 -3.43
C ASP I 4 -10.77 2.20 -3.01
N VAL I 5 -9.89 1.83 -3.93
CA VAL I 5 -8.45 1.94 -3.73
C VAL I 5 -7.84 2.48 -5.03
N THR I 6 -6.80 3.30 -4.90
CA THR I 6 -6.05 3.77 -6.07
C THR I 6 -4.58 3.43 -5.85
N LEU I 7 -3.97 2.79 -6.84
CA LEU I 7 -2.53 2.51 -6.81
C LEU I 7 -1.86 3.47 -7.79
N THR I 8 -0.71 4.00 -7.40
CA THR I 8 0.04 4.92 -8.28
C THR I 8 1.41 4.28 -8.50
N LYS I 9 1.80 4.11 -9.77
CA LYS I 9 3.05 3.41 -10.11
C LYS I 9 4.08 4.40 -10.65
N THR I 10 5.33 4.30 -10.18
CA THR I 10 6.37 5.19 -10.69
C THR I 10 7.66 4.41 -10.95
N ASP I 11 8.52 5.06 -11.73
CA ASP I 11 9.97 4.75 -11.80
C ASP I 11 10.61 5.17 -10.48
N ALA I 12 11.22 4.20 -9.76
CA ALA I 12 11.80 4.49 -8.45
C ALA I 12 12.87 5.60 -8.53
N THR I 13 13.55 5.73 -9.65
CA THR I 13 14.68 6.67 -9.70
C THR I 13 14.26 8.07 -10.08
N THR I 14 13.19 8.23 -10.84
CA THR I 14 12.74 9.56 -11.28
C THR I 14 11.42 10.02 -10.64
N LYS I 15 10.68 9.12 -10.01
CA LYS I 15 9.32 9.40 -9.50
C LYS I 15 8.32 9.71 -10.59
N ALA I 16 8.62 9.40 -11.85
CA ALA I 16 7.68 9.67 -12.93
C ALA I 16 6.71 8.51 -13.07
N ALA I 17 5.44 8.84 -13.38
CA ALA I 17 4.41 7.82 -13.53
C ALA I 17 4.73 6.83 -14.66
N LEU I 18 4.38 5.56 -14.47
CA LEU I 18 4.53 4.52 -15.50
C LEU I 18 3.18 3.93 -15.88
N ALA I 19 2.90 3.87 -17.19
CA ALA I 19 1.75 3.20 -17.79
C ALA I 19 2.10 1.75 -18.12
N GLY I 20 1.09 0.88 -18.06
CA GLY I 20 1.24 -0.49 -18.55
C GLY I 20 1.79 -1.47 -17.55
N ALA I 21 1.92 -1.09 -16.29
CA ALA I 21 2.23 -2.07 -15.25
C ALA I 21 0.97 -2.87 -14.98
N VAL I 22 1.11 -4.20 -14.87
CA VAL I 22 -0.03 -5.13 -14.73
C VAL I 22 0.01 -5.73 -13.33
N TYR I 23 -1.15 -5.77 -12.68
CA TYR I 23 -1.33 -6.24 -11.29
C TYR I 23 -2.44 -7.26 -11.16
N GLU I 24 -2.21 -8.19 -10.24
CA GLU I 24 -3.28 -8.99 -9.61
C GLU I 24 -3.75 -8.30 -8.34
N LEU I 25 -5.02 -8.49 -8.00
CA LEU I 25 -5.53 -8.16 -6.68
C LEU I 25 -5.81 -9.45 -5.94
N GLN I 26 -5.22 -9.61 -4.72
CA GLN I 26 -5.36 -10.80 -3.92
C GLN I 26 -5.99 -10.43 -2.59
N ASP I 27 -6.59 -11.39 -1.90
CA ASP I 27 -6.99 -11.13 -0.52
C ASP I 27 -5.74 -11.29 0.37
N ALA I 28 -5.91 -11.17 1.69
CA ALA I 28 -4.72 -11.15 2.53
C ALA I 28 -4.01 -12.49 2.61
N THR I 29 -4.63 -13.58 2.17
CA THR I 29 -3.97 -14.87 2.15
C THR I 29 -3.29 -15.17 0.83
N GLY I 30 -3.35 -14.25 -0.14
CA GLY I 30 -2.76 -14.51 -1.45
C GLY I 30 -3.72 -15.07 -2.49
N LYS I 31 -4.99 -15.26 -2.17
CA LYS I 31 -5.90 -15.79 -3.17
C LYS I 31 -6.19 -14.71 -4.21
N VAL I 32 -6.05 -15.05 -5.49
CA VAL I 32 -6.21 -14.08 -6.56
C VAL I 32 -7.71 -13.86 -6.79
N LEU I 33 -8.14 -12.61 -6.73
CA LEU I 33 -9.55 -12.24 -6.94
C LEU I 33 -9.79 -11.50 -8.24
N LYS I 34 -8.83 -10.69 -8.70
CA LYS I 34 -8.89 -10.01 -10.00
C LYS I 34 -7.51 -10.06 -10.63
N MET I 35 -7.43 -10.00 -11.96
CA MET I 35 -6.11 -9.95 -12.60
C MET I 35 -6.17 -9.00 -13.78
N GLY I 36 -5.00 -8.63 -14.25
CA GLY I 36 -4.94 -7.84 -15.46
C GLY I 36 -5.12 -6.37 -15.26
N LEU I 37 -5.06 -5.88 -14.01
CA LEU I 37 -5.32 -4.48 -13.69
C LEU I 37 -4.13 -3.65 -14.12
N THR I 38 -4.32 -2.70 -15.03
CA THR I 38 -3.16 -2.07 -15.67
C THR I 38 -3.13 -0.55 -15.41
N THR I 39 -1.94 -0.01 -15.16
CA THR I 39 -1.83 1.42 -14.85
C THR I 39 -1.95 2.24 -16.14
N ASP I 40 -2.51 3.43 -16.01
CA ASP I 40 -2.70 4.35 -17.13
C ASP I 40 -1.57 5.37 -17.22
N THR I 41 -1.74 6.43 -18.06
CA THR I 41 -0.59 7.29 -18.31
C THR I 41 -0.32 8.26 -17.17
N THR I 42 -1.21 8.37 -16.19
CA THR I 42 -0.85 9.06 -14.95
C THR I 42 -0.26 8.10 -13.91
N GLY I 43 -0.01 6.85 -14.28
CA GLY I 43 0.52 5.83 -13.34
C GLY I 43 -0.52 5.18 -12.46
N GLN I 44 -1.81 5.49 -12.64
N GLN I 44 -1.81 5.46 -12.71
CA GLN I 44 -2.81 5.11 -11.66
CA GLN I 44 -2.90 5.12 -11.80
C GLN I 44 -3.71 3.99 -12.18
C GLN I 44 -3.67 3.87 -12.24
N LEU I 45 -4.18 3.17 -11.23
CA LEU I 45 -5.27 2.25 -11.48
C LEU I 45 -6.12 2.31 -10.23
N THR I 46 -7.43 2.21 -10.41
CA THR I 46 -8.39 2.29 -9.32
C THR I 46 -9.28 1.07 -9.38
N VAL I 47 -9.54 0.47 -8.23
CA VAL I 47 -10.53 -0.58 -8.14
C VAL I 47 -11.62 -0.04 -7.21
N SER I 48 -12.86 -0.05 -7.68
CA SER I 48 -13.94 0.43 -6.84
C SER I 48 -14.89 -0.70 -6.50
N GLY I 49 -15.75 -0.48 -5.50
CA GLY I 49 -16.73 -1.48 -5.12
C GLY I 49 -16.22 -2.67 -4.35
N LEU I 50 -15.04 -2.58 -3.71
CA LEU I 50 -14.53 -3.66 -2.88
C LEU I 50 -15.26 -3.74 -1.56
N THR I 51 -15.63 -4.95 -1.15
CA THR I 51 -16.15 -5.13 0.19
C THR I 51 -15.03 -4.98 1.22
N ALA I 52 -15.41 -4.65 2.46
CA ALA I 52 -14.39 -4.48 3.49
C ALA I 52 -13.53 -5.74 3.64
N GLY I 53 -12.24 -5.55 3.92
CA GLY I 53 -11.35 -6.69 4.03
C GLY I 53 -9.94 -6.23 3.79
N ASN I 54 -9.00 -7.17 3.94
CA ASN I 54 -7.60 -6.91 3.68
C ASN I 54 -7.19 -7.51 2.36
N TYR I 55 -6.48 -6.72 1.56
CA TYR I 55 -6.14 -7.08 0.20
C TYR I 55 -4.65 -6.85 -0.03
N GLN I 56 -4.17 -7.28 -1.21
CA GLN I 56 -2.85 -6.85 -1.64
C GLN I 56 -2.74 -6.84 -3.16
N PHE I 57 -2.05 -5.82 -3.67
CA PHE I 57 -1.68 -5.80 -5.08
C PHE I 57 -0.38 -6.57 -5.30
N VAL I 58 -0.30 -7.34 -6.39
CA VAL I 58 0.93 -8.09 -6.71
C VAL I 58 1.21 -7.87 -8.20
N GLU I 59 2.34 -7.22 -8.50
CA GLU I 59 2.71 -6.96 -9.88
C GLU I 59 2.92 -8.29 -10.62
N THR I 60 2.35 -8.41 -11.82
CA THR I 60 2.55 -9.58 -12.66
C THR I 60 3.30 -9.27 -13.95
N LYS I 61 3.32 -8.01 -14.38
CA LYS I 61 4.19 -7.63 -15.47
C LYS I 61 4.67 -6.21 -15.21
N ALA I 62 6.00 -5.99 -15.20
CA ALA I 62 6.47 -4.64 -15.03
C ALA I 62 6.46 -3.91 -16.37
N PRO I 63 6.36 -2.58 -16.37
CA PRO I 63 6.54 -1.86 -17.63
C PRO I 63 7.86 -2.21 -18.30
N SER I 64 7.83 -2.25 -19.64
CA SER I 64 9.04 -2.51 -20.43
C SER I 64 10.19 -1.62 -19.98
N GLY I 65 11.38 -2.21 -19.78
CA GLY I 65 12.50 -1.46 -19.26
C GLY I 65 12.65 -1.49 -17.75
N TYR I 66 11.73 -2.13 -17.03
CA TYR I 66 11.76 -2.17 -15.57
C TYR I 66 11.79 -3.60 -15.08
N GLN I 67 12.27 -3.78 -13.84
CA GLN I 67 12.36 -5.10 -13.21
C GLN I 67 11.03 -5.48 -12.57
N LEU I 68 10.59 -6.72 -12.80
CA LEU I 68 9.40 -7.22 -12.11
C LEU I 68 9.68 -7.34 -10.62
N ASN I 69 8.76 -6.83 -9.81
CA ASN I 69 8.85 -7.03 -8.37
C ASN I 69 7.46 -7.42 -7.87
N ALA I 70 7.31 -8.69 -7.51
CA ALA I 70 6.05 -9.26 -7.08
C ALA I 70 5.77 -9.11 -5.58
N ALA I 71 6.57 -8.33 -4.85
CA ALA I 71 6.28 -8.17 -3.41
C ALA I 71 4.87 -7.56 -3.25
N PRO I 72 4.08 -8.07 -2.32
CA PRO I 72 2.70 -7.52 -2.16
C PRO I 72 2.67 -6.11 -1.58
N LEU I 73 1.74 -5.32 -2.10
CA LEU I 73 1.44 -4.02 -1.56
C LEU I 73 0.08 -4.13 -0.89
N SER I 74 0.06 -4.08 0.44
CA SER I 74 -1.11 -4.40 1.25
C SER I 74 -1.97 -3.18 1.50
N PHE I 75 -3.28 -3.41 1.66
CA PHE I 75 -4.17 -2.33 2.10
C PHE I 75 -5.44 -2.92 2.69
N THR I 76 -6.15 -2.08 3.46
CA THR I 76 -7.40 -2.47 4.11
C THR I 76 -8.54 -1.59 3.60
N ILE I 77 -9.63 -2.21 3.22
CA ILE I 77 -10.90 -1.48 3.00
C ILE I 77 -11.72 -1.60 4.28
N LYS I 78 -12.06 -0.47 4.89
CA LYS I 78 -12.80 -0.56 6.12
C LYS I 78 -14.30 -0.43 5.85
N PRO I 79 -15.13 -0.95 6.74
CA PRO I 79 -16.58 -0.75 6.63
C PRO I 79 -16.94 0.73 6.69
N ASN I 80 -17.92 1.12 5.89
CA ASN I 80 -18.37 2.51 5.88
C ASN I 80 -17.22 3.49 5.57
N GLN I 81 -16.26 3.03 4.78
CA GLN I 81 -15.15 3.85 4.30
C GLN I 81 -15.64 5.14 3.63
N THR I 82 -15.07 6.26 4.02
CA THR I 82 -15.47 7.55 3.45
C THR I 82 -14.40 8.16 2.54
N ALA I 83 -13.20 7.66 2.57
CA ALA I 83 -12.11 8.20 1.76
C ALA I 83 -11.49 7.06 0.99
N VAL I 84 -11.01 7.35 -0.23
CA VAL I 84 -10.29 6.36 -1.02
C VAL I 84 -9.00 5.94 -0.28
N VAL I 85 -8.65 4.66 -0.37
CA VAL I 85 -7.35 4.17 0.16
C VAL I 85 -6.32 4.23 -0.95
N THR I 86 -5.08 4.65 -0.67
CA THR I 86 -4.11 4.83 -1.76
C THR I 86 -2.81 4.10 -1.46
N VAL I 87 -2.17 3.54 -2.48
CA VAL I 87 -0.89 2.87 -2.29
C VAL I 87 0.04 3.34 -3.39
N ALA I 88 1.33 3.41 -3.06
CA ALA I 88 2.31 3.81 -4.06
C ALA I 88 3.26 2.63 -4.30
N ALA I 89 3.45 2.28 -5.57
CA ALA I 89 4.34 1.19 -5.98
C ALA I 89 5.43 1.78 -6.87
N THR I 90 6.68 1.34 -6.71
CA THR I 90 7.76 1.81 -7.57
C THR I 90 8.36 0.64 -8.37
N ASP I 91 9.15 0.99 -9.39
CA ASP I 91 9.73 0.01 -10.32
C ASP I 91 11.15 0.45 -10.57
N GLU I 92 12.08 -0.51 -10.45
N GLU I 92 12.08 -0.52 -10.47
CA GLU I 92 13.47 -0.18 -10.70
CA GLU I 92 13.49 -0.23 -10.70
C GLU I 92 13.82 -0.43 -12.16
C GLU I 92 13.83 -0.44 -12.18
N PRO I 93 14.51 0.49 -12.82
CA PRO I 93 14.98 0.25 -14.20
C PRO I 93 15.89 -0.97 -14.28
N VAL I 94 15.77 -1.72 -15.38
CA VAL I 94 16.64 -2.88 -15.53
C VAL I 94 18.09 -2.41 -15.63
N THR I 95 19.01 -3.28 -15.23
CA THR I 95 20.44 -2.92 -15.23
C THR I 95 21.17 -3.54 -16.42
N SER J 1 -39.25 6.37 6.42
CA SER J 1 -38.51 5.55 5.46
C SER J 1 -39.41 4.51 4.81
N THR J 2 -39.09 4.16 3.56
CA THR J 2 -39.74 3.07 2.84
C THR J 2 -38.67 2.21 2.19
N GLY J 3 -39.06 1.08 1.62
CA GLY J 3 -38.10 0.24 0.93
C GLY J 3 -38.69 -0.34 -0.35
N ASP J 4 -37.83 -0.98 -1.14
CA ASP J 4 -38.21 -1.55 -2.43
C ASP J 4 -38.03 -3.06 -2.40
N VAL J 5 -38.77 -3.75 -3.27
CA VAL J 5 -38.64 -5.20 -3.44
C VAL J 5 -38.66 -5.50 -4.93
N THR J 6 -37.81 -6.42 -5.35
CA THR J 6 -37.81 -6.93 -6.71
C THR J 6 -38.01 -8.44 -6.69
N LEU J 7 -38.88 -8.93 -7.56
CA LEU J 7 -39.11 -10.35 -7.76
C LEU J 7 -38.55 -10.71 -9.12
N THR J 8 -37.81 -11.82 -9.20
CA THR J 8 -37.35 -12.34 -10.48
C THR J 8 -37.97 -13.72 -10.72
N LYS J 9 -38.45 -13.94 -11.94
CA LYS J 9 -39.24 -15.13 -12.25
C LYS J 9 -38.53 -15.96 -13.30
N THR J 10 -38.43 -17.28 -13.08
CA THR J 10 -37.76 -18.13 -14.07
C THR J 10 -38.54 -19.41 -14.33
N ASP J 11 -38.15 -20.04 -15.43
CA ASP J 11 -38.46 -21.44 -15.71
C ASP J 11 -37.57 -22.33 -14.83
N ALA J 12 -38.18 -23.18 -14.00
CA ALA J 12 -37.42 -23.94 -13.00
C ALA J 12 -36.39 -24.86 -13.64
N THR J 13 -36.65 -25.32 -14.86
CA THR J 13 -35.78 -26.32 -15.47
C THR J 13 -34.64 -25.70 -16.25
N THR J 14 -34.79 -24.48 -16.76
CA THR J 14 -33.74 -23.85 -17.55
C THR J 14 -33.12 -22.64 -16.88
N LYS J 15 -33.73 -22.13 -15.80
CA LYS J 15 -33.32 -20.88 -15.13
C LYS J 15 -33.47 -19.68 -16.04
N ALA J 16 -34.23 -19.79 -17.15
CA ALA J 16 -34.44 -18.65 -18.06
C ALA J 16 -35.54 -17.74 -17.52
N ALA J 17 -35.37 -16.44 -17.73
CA ALA J 17 -36.34 -15.45 -17.28
C ALA J 17 -37.67 -15.63 -17.99
N LEU J 18 -38.77 -15.43 -17.27
CA LEU J 18 -40.12 -15.49 -17.87
C LEU J 18 -40.85 -14.14 -17.73
N ALA J 19 -41.37 -13.64 -18.86
CA ALA J 19 -42.23 -12.46 -18.93
C ALA J 19 -43.71 -12.86 -18.82
N GLY J 20 -44.52 -11.94 -18.32
CA GLY J 20 -45.98 -12.12 -18.27
C GLY J 20 -46.50 -12.90 -17.08
N ALA J 21 -45.66 -13.29 -16.13
CA ALA J 21 -46.20 -13.86 -14.89
C ALA J 21 -46.85 -12.74 -14.09
N VAL J 22 -48.02 -13.02 -13.52
CA VAL J 22 -48.81 -12.00 -12.84
C VAL J 22 -48.91 -12.33 -11.36
N TYR J 23 -48.73 -11.29 -10.51
CA TYR J 23 -48.67 -11.44 -9.07
C TYR J 23 -49.58 -10.46 -8.35
N GLU J 24 -50.07 -10.90 -7.19
CA GLU J 24 -50.61 -10.04 -6.15
C GLU J 24 -49.54 -9.78 -5.11
N LEU J 25 -49.55 -8.59 -4.54
CA LEU J 25 -48.81 -8.31 -3.32
C LEU J 25 -49.79 -8.32 -2.16
N GLN J 26 -49.54 -9.14 -1.15
CA GLN J 26 -50.40 -9.25 0.04
C GLN J 26 -49.60 -8.87 1.28
N ASP J 27 -50.33 -8.44 2.33
CA ASP J 27 -49.70 -8.36 3.64
C ASP J 27 -49.56 -9.79 4.19
N ALA J 28 -48.93 -9.93 5.36
CA ALA J 28 -48.67 -11.31 5.77
C ALA J 28 -49.92 -12.01 6.30
N THR J 29 -51.02 -11.27 6.51
CA THR J 29 -52.31 -11.91 6.80
C THR J 29 -53.03 -12.36 5.55
N GLY J 30 -52.49 -12.10 4.37
CA GLY J 30 -53.15 -12.46 3.14
C GLY J 30 -54.02 -11.38 2.52
N LYS J 31 -54.16 -10.23 3.16
N LYS J 31 -54.18 -10.23 3.17
CA LYS J 31 -54.95 -9.14 2.58
CA LYS J 31 -54.96 -9.15 2.57
C LYS J 31 -54.30 -8.64 1.30
C LYS J 31 -54.30 -8.65 1.30
N VAL J 32 -55.05 -8.64 0.19
CA VAL J 32 -54.48 -8.16 -1.07
C VAL J 32 -54.33 -6.65 -1.05
N LEU J 33 -53.11 -6.17 -1.33
CA LEU J 33 -52.78 -4.74 -1.32
C LEU J 33 -52.56 -4.17 -2.71
N LYS J 34 -52.01 -4.96 -3.65
CA LYS J 34 -51.79 -4.60 -5.06
C LYS J 34 -52.00 -5.85 -5.89
N MET J 35 -52.48 -5.69 -7.14
CA MET J 35 -52.67 -6.87 -7.99
C MET J 35 -52.17 -6.52 -9.38
N GLY J 36 -52.00 -7.54 -10.23
CA GLY J 36 -51.67 -7.26 -11.63
C GLY J 36 -50.21 -6.97 -11.87
N LEU J 37 -49.36 -7.20 -10.86
CA LEU J 37 -47.92 -6.95 -11.01
C LEU J 37 -47.34 -7.98 -11.97
N THR J 38 -46.75 -7.56 -13.09
CA THR J 38 -46.41 -8.46 -14.19
C THR J 38 -44.91 -8.44 -14.51
N THR J 39 -44.29 -9.61 -14.65
CA THR J 39 -42.84 -9.64 -14.94
C THR J 39 -42.54 -9.18 -16.37
N ASP J 40 -41.38 -8.53 -16.56
CA ASP J 40 -40.95 -8.01 -17.85
C ASP J 40 -40.02 -9.05 -18.52
N THR J 41 -39.37 -8.65 -19.63
CA THR J 41 -38.58 -9.63 -20.38
C THR J 41 -37.31 -10.05 -19.67
N THR J 42 -36.93 -9.39 -18.58
CA THR J 42 -35.84 -9.92 -17.75
C THR J 42 -36.35 -10.74 -16.60
N GLY J 43 -37.66 -11.04 -16.59
CA GLY J 43 -38.26 -11.83 -15.54
C GLY J 43 -38.53 -11.05 -14.25
N GLN J 44 -38.32 -9.74 -14.22
N GLN J 44 -38.36 -9.73 -14.27
CA GLN J 44 -38.37 -9.03 -12.95
CA GLN J 44 -38.39 -8.86 -13.11
C GLN J 44 -39.55 -8.05 -12.92
C GLN J 44 -39.73 -8.13 -12.97
N LEU J 45 -40.11 -7.90 -11.71
CA LEU J 45 -41.05 -6.81 -11.39
C LEU J 45 -40.50 -6.17 -10.13
N THR J 46 -40.79 -4.90 -9.94
CA THR J 46 -40.30 -4.16 -8.78
C THR J 46 -41.45 -3.37 -8.17
N VAL J 47 -41.57 -3.39 -6.84
CA VAL J 47 -42.48 -2.50 -6.13
C VAL J 47 -41.66 -1.58 -5.25
N SER J 48 -41.88 -0.26 -5.39
N SER J 48 -41.86 -0.27 -5.40
CA SER J 48 -41.08 0.72 -4.66
CA SER J 48 -41.09 0.69 -4.65
C SER J 48 -41.93 1.54 -3.70
C SER J 48 -41.95 1.35 -3.58
N GLY J 49 -41.28 1.98 -2.63
CA GLY J 49 -41.92 2.84 -1.66
C GLY J 49 -42.83 2.13 -0.68
N LEU J 50 -42.55 0.86 -0.35
CA LEU J 50 -43.34 0.17 0.66
C LEU J 50 -42.94 0.58 2.07
N THR J 51 -43.92 0.75 2.94
CA THR J 51 -43.60 0.92 4.35
C THR J 51 -43.05 -0.38 4.96
N ALA J 52 -42.31 -0.23 6.06
CA ALA J 52 -41.82 -1.41 6.76
C ALA J 52 -42.96 -2.33 7.16
N GLY J 53 -42.74 -3.64 6.99
CA GLY J 53 -43.74 -4.62 7.34
C GLY J 53 -43.45 -5.98 6.71
N ASN J 54 -44.33 -6.93 7.00
CA ASN J 54 -44.20 -8.27 6.43
C ASN J 54 -45.21 -8.46 5.30
N TYR J 55 -44.70 -8.91 4.16
CA TYR J 55 -45.49 -9.01 2.93
C TYR J 55 -45.31 -10.40 2.31
N GLN J 56 -46.08 -10.65 1.26
CA GLN J 56 -45.84 -11.87 0.46
C GLN J 56 -46.38 -11.66 -0.96
N PHE J 57 -45.68 -12.20 -1.95
CA PHE J 57 -46.17 -12.28 -3.31
C PHE J 57 -46.88 -13.60 -3.52
N VAL J 58 -47.96 -13.58 -4.30
CA VAL J 58 -48.76 -14.75 -4.62
C VAL J 58 -49.02 -14.71 -6.11
N GLU J 59 -48.57 -15.73 -6.82
CA GLU J 59 -48.80 -15.76 -8.27
C GLU J 59 -50.28 -15.90 -8.53
N THR J 60 -50.80 -15.10 -9.49
CA THR J 60 -52.20 -15.23 -9.91
C THR J 60 -52.37 -15.74 -11.34
N LYS J 61 -51.37 -15.60 -12.20
CA LYS J 61 -51.42 -16.21 -13.53
C LYS J 61 -50.00 -16.58 -13.91
N ALA J 62 -49.79 -17.86 -14.19
CA ALA J 62 -48.45 -18.29 -14.63
C ALA J 62 -48.28 -17.96 -16.12
N PRO J 63 -47.06 -17.73 -16.59
CA PRO J 63 -46.85 -17.57 -18.02
C PRO J 63 -47.36 -18.79 -18.78
N SER J 64 -47.82 -18.55 -20.00
CA SER J 64 -48.33 -19.61 -20.86
C SER J 64 -47.33 -20.76 -20.95
N GLY J 65 -47.80 -21.99 -20.76
CA GLY J 65 -46.89 -23.12 -20.78
C GLY J 65 -46.37 -23.55 -19.41
N TYR J 66 -46.79 -22.87 -18.35
CA TYR J 66 -46.25 -23.14 -17.01
C TYR J 66 -47.40 -23.34 -16.03
N GLN J 67 -47.13 -24.08 -14.96
CA GLN J 67 -48.14 -24.40 -13.96
C GLN J 67 -48.25 -23.27 -12.94
N LEU J 68 -49.49 -22.88 -12.61
CA LEU J 68 -49.68 -21.90 -11.54
C LEU J 68 -49.26 -22.50 -10.20
N ASN J 69 -48.47 -21.76 -9.44
CA ASN J 69 -48.13 -22.16 -8.08
C ASN J 69 -48.38 -20.95 -7.20
N ALA J 70 -49.49 -21.00 -6.46
CA ALA J 70 -49.92 -19.84 -5.67
C ALA J 70 -49.29 -19.80 -4.27
N ALA J 71 -48.28 -20.64 -3.98
CA ALA J 71 -47.68 -20.60 -2.65
C ALA J 71 -47.09 -19.21 -2.39
N PRO J 72 -47.32 -18.60 -1.22
CA PRO J 72 -46.81 -17.26 -0.98
C PRO J 72 -45.30 -17.23 -0.90
N LEU J 73 -44.73 -16.17 -1.46
CA LEU J 73 -43.29 -15.91 -1.38
C LEU J 73 -43.12 -14.75 -0.38
N SER J 74 -42.70 -15.08 0.86
CA SER J 74 -42.66 -14.09 1.96
C SER J 74 -41.44 -13.19 1.87
N PHE J 75 -41.61 -11.95 2.33
CA PHE J 75 -40.47 -11.05 2.50
C PHE J 75 -40.81 -9.95 3.49
N THR J 76 -39.75 -9.34 4.02
CA THR J 76 -39.90 -8.26 4.99
C THR J 76 -39.16 -7.02 4.51
N ILE J 77 -39.85 -5.89 4.56
CA ILE J 77 -39.26 -4.56 4.39
C ILE J 77 -38.90 -4.08 5.78
N LYS J 78 -37.58 -3.74 6.02
CA LYS J 78 -37.22 -3.37 7.37
C LYS J 78 -37.25 -1.87 7.55
N PRO J 79 -37.39 -1.39 8.78
CA PRO J 79 -37.53 0.06 9.01
C PRO J 79 -36.44 0.95 8.43
N ASN J 80 -35.18 0.59 8.54
CA ASN J 80 -34.31 1.55 7.88
C ASN J 80 -33.52 0.86 6.80
N GLN J 81 -34.26 0.26 5.86
CA GLN J 81 -33.69 -0.62 4.87
C GLN J 81 -32.82 0.17 3.89
N THR J 82 -31.63 -0.33 3.61
CA THR J 82 -30.76 0.43 2.73
C THR J 82 -30.57 -0.24 1.39
N ALA J 83 -31.04 -1.47 1.23
CA ALA J 83 -30.85 -2.21 0.00
C ALA J 83 -32.18 -2.81 -0.42
N VAL J 84 -32.34 -2.98 -1.74
CA VAL J 84 -33.54 -3.62 -2.26
C VAL J 84 -33.64 -5.05 -1.70
N VAL J 85 -34.84 -5.47 -1.39
CA VAL J 85 -35.09 -6.87 -1.09
C VAL J 85 -35.40 -7.59 -2.39
N THR J 86 -34.81 -8.77 -2.62
CA THR J 86 -34.91 -9.42 -3.93
C THR J 86 -35.29 -10.87 -3.75
N VAL J 87 -36.38 -11.27 -4.38
CA VAL J 87 -36.89 -12.62 -4.18
C VAL J 87 -36.92 -13.32 -5.53
N ALA J 88 -36.74 -14.65 -5.50
CA ALA J 88 -36.67 -15.46 -6.71
C ALA J 88 -37.87 -16.41 -6.72
N ALA J 89 -38.67 -16.34 -7.77
CA ALA J 89 -39.80 -17.24 -7.97
C ALA J 89 -39.53 -18.12 -9.20
N THR J 90 -39.94 -19.39 -9.16
CA THR J 90 -39.78 -20.27 -10.32
C THR J 90 -41.12 -20.87 -10.72
N ASP J 91 -41.16 -21.45 -11.92
CA ASP J 91 -42.39 -21.98 -12.51
C ASP J 91 -42.05 -23.30 -13.18
N GLU J 92 -42.88 -24.33 -12.95
CA GLU J 92 -42.67 -25.60 -13.63
C GLU J 92 -43.40 -25.62 -14.97
N PRO J 93 -42.76 -26.10 -16.03
CA PRO J 93 -43.48 -26.30 -17.29
C PRO J 93 -44.64 -27.28 -17.12
N VAL J 94 -45.68 -27.08 -17.91
CA VAL J 94 -46.81 -28.01 -17.86
C VAL J 94 -46.37 -29.38 -18.38
N THR J 95 -47.01 -30.42 -17.88
CA THR J 95 -46.82 -31.78 -18.37
C THR J 95 -47.69 -32.05 -19.60
N SER K 1 -24.96 -17.08 -32.32
CA SER K 1 -25.70 -16.41 -31.25
C SER K 1 -24.98 -16.59 -29.92
N THR K 2 -25.20 -15.65 -29.01
CA THR K 2 -24.69 -15.73 -27.64
C THR K 2 -25.84 -15.45 -26.68
N GLY K 3 -25.58 -15.67 -25.40
CA GLY K 3 -26.58 -15.46 -24.38
C GLY K 3 -26.00 -14.69 -23.20
N ASP K 4 -26.89 -14.25 -22.34
CA ASP K 4 -26.52 -13.50 -21.14
C ASP K 4 -27.01 -14.23 -19.90
N VAL K 5 -26.33 -13.93 -18.80
CA VAL K 5 -26.66 -14.48 -17.50
C VAL K 5 -26.57 -13.37 -16.48
N THR K 6 -27.48 -13.38 -15.53
CA THR K 6 -27.46 -12.47 -14.41
C THR K 6 -27.50 -13.26 -13.11
N LEU K 7 -26.65 -12.89 -12.16
CA LEU K 7 -26.64 -13.47 -10.85
C LEU K 7 -27.13 -12.43 -9.86
N THR K 8 -27.98 -12.84 -8.91
CA THR K 8 -28.47 -11.88 -7.89
C THR K 8 -28.08 -12.45 -6.52
N LYS K 9 -27.54 -11.60 -5.64
CA LYS K 9 -26.92 -12.02 -4.39
C LYS K 9 -27.63 -11.40 -3.20
N THR K 10 -28.06 -12.23 -2.25
CA THR K 10 -28.73 -11.73 -1.05
C THR K 10 -28.12 -12.30 0.23
N ASP K 11 -28.49 -11.63 1.33
CA ASP K 11 -28.38 -12.15 2.68
C ASP K 11 -29.48 -13.20 2.87
N ALA K 12 -29.10 -14.42 3.21
CA ALA K 12 -30.07 -15.51 3.28
C ALA K 12 -31.19 -15.25 4.28
N THR K 13 -30.91 -14.50 5.34
CA THR K 13 -31.86 -14.38 6.43
C THR K 13 -32.80 -13.21 6.21
N THR K 14 -32.39 -12.19 5.46
CA THR K 14 -33.23 -11.03 5.21
C THR K 14 -33.71 -10.90 3.76
N LYS K 15 -33.11 -11.62 2.82
CA LYS K 15 -33.39 -11.52 1.38
C LYS K 15 -32.96 -10.18 0.81
N ALA K 16 -32.16 -9.40 1.55
CA ALA K 16 -31.71 -8.09 1.05
C ALA K 16 -30.51 -8.26 0.13
N ALA K 17 -30.44 -7.42 -0.91
CA ALA K 17 -29.35 -7.45 -1.88
C ALA K 17 -28.01 -7.17 -1.20
N LEU K 18 -26.94 -7.85 -1.66
CA LEU K 18 -25.58 -7.57 -1.16
C LEU K 18 -24.67 -7.13 -2.30
N ALA K 19 -23.99 -6.00 -2.11
CA ALA K 19 -22.95 -5.55 -3.02
C ALA K 19 -21.59 -6.14 -2.59
N GLY K 20 -20.69 -6.24 -3.56
CA GLY K 20 -19.27 -6.55 -3.29
C GLY K 20 -18.98 -8.04 -3.13
N ALA K 21 -19.96 -8.91 -3.37
CA ALA K 21 -19.68 -10.35 -3.48
C ALA K 21 -18.89 -10.60 -4.76
N VAL K 22 -17.80 -11.40 -4.69
CA VAL K 22 -16.92 -11.63 -5.85
C VAL K 22 -17.08 -13.07 -6.31
N TYR K 23 -17.14 -13.25 -7.63
CA TYR K 23 -17.35 -14.54 -8.27
C TYR K 23 -16.36 -14.80 -9.39
N GLU K 24 -16.06 -16.07 -9.56
CA GLU K 24 -15.48 -16.63 -10.77
C GLU K 24 -16.60 -17.16 -11.63
N LEU K 25 -16.41 -17.08 -12.94
CA LEU K 25 -17.20 -17.87 -13.88
C LEU K 25 -16.36 -19.03 -14.39
N GLN K 26 -16.88 -20.25 -14.25
CA GLN K 26 -16.16 -21.45 -14.67
C GLN K 26 -16.95 -22.18 -15.74
N ASP K 27 -16.25 -22.96 -16.56
N ASP K 27 -16.23 -22.96 -16.54
CA ASP K 27 -16.98 -23.92 -17.39
CA ASP K 27 -16.84 -23.97 -17.36
C ASP K 27 -17.42 -25.09 -16.50
C ASP K 27 -17.51 -25.03 -16.47
N ALA K 28 -18.23 -25.98 -17.08
CA ALA K 28 -18.76 -27.09 -16.29
C ALA K 28 -17.67 -28.01 -15.75
N THR K 29 -16.46 -28.00 -16.31
CA THR K 29 -15.39 -28.83 -15.75
C THR K 29 -14.65 -28.15 -14.61
N GLY K 30 -14.97 -26.91 -14.27
CA GLY K 30 -14.28 -26.18 -13.23
C GLY K 30 -13.18 -25.26 -13.71
N LYS K 31 -12.87 -25.25 -15.00
N LYS K 31 -12.88 -25.25 -15.01
CA LYS K 31 -11.87 -24.35 -15.54
CA LYS K 31 -11.88 -24.33 -15.55
C LYS K 31 -12.34 -22.90 -15.40
C LYS K 31 -12.35 -22.89 -15.39
N VAL K 32 -11.51 -22.05 -14.78
CA VAL K 32 -11.87 -20.64 -14.60
C VAL K 32 -11.77 -19.89 -15.93
N LEU K 33 -12.88 -19.23 -16.35
CA LEU K 33 -12.93 -18.48 -17.58
C LEU K 33 -12.90 -16.96 -17.35
N LYS K 34 -13.50 -16.49 -16.24
CA LYS K 34 -13.47 -15.09 -15.85
C LYS K 34 -13.40 -15.02 -14.35
N MET K 35 -12.82 -13.94 -13.83
CA MET K 35 -12.77 -13.82 -12.37
C MET K 35 -13.04 -12.37 -11.97
N GLY K 36 -13.33 -12.18 -10.67
CA GLY K 36 -13.44 -10.84 -10.13
C GLY K 36 -14.78 -10.19 -10.42
N LEU K 37 -15.75 -11.00 -10.82
CA LEU K 37 -17.09 -10.48 -11.14
C LEU K 37 -17.79 -10.10 -9.85
N THR K 38 -18.25 -8.85 -9.73
CA THR K 38 -18.59 -8.30 -8.43
C THR K 38 -20.02 -7.78 -8.46
N THR K 39 -20.81 -8.09 -7.42
CA THR K 39 -22.21 -7.63 -7.40
C THR K 39 -22.33 -6.14 -7.07
N ASP K 40 -23.35 -5.50 -7.65
CA ASP K 40 -23.54 -4.06 -7.45
C ASP K 40 -24.52 -3.82 -6.30
N THR K 41 -25.00 -2.57 -6.14
CA THR K 41 -25.82 -2.30 -4.97
C THR K 41 -27.23 -2.91 -5.08
N THR K 42 -27.63 -3.38 -6.25
CA THR K 42 -28.86 -4.18 -6.34
C THR K 42 -28.58 -5.65 -6.16
N GLY K 43 -27.36 -6.01 -5.75
CA GLY K 43 -26.98 -7.40 -5.63
C GLY K 43 -26.75 -8.13 -6.93
N GLN K 44 -26.68 -7.44 -8.07
CA GLN K 44 -26.61 -8.10 -9.36
C GLN K 44 -25.23 -8.00 -10.03
N LEU K 45 -24.90 -9.04 -10.78
CA LEU K 45 -23.86 -8.94 -11.81
C LEU K 45 -24.41 -9.65 -13.04
N THR K 46 -23.96 -9.19 -14.21
CA THR K 46 -24.41 -9.74 -15.50
C THR K 46 -23.17 -10.01 -16.34
N VAL K 47 -23.12 -11.18 -16.96
CA VAL K 47 -22.14 -11.46 -18.00
C VAL K 47 -22.89 -11.59 -19.31
N SER K 48 -22.47 -10.85 -20.33
CA SER K 48 -23.18 -10.96 -21.61
C SER K 48 -22.24 -11.53 -22.68
N GLY K 49 -22.83 -12.02 -23.76
CA GLY K 49 -22.04 -12.50 -24.88
C GLY K 49 -21.41 -13.88 -24.72
N LEU K 50 -21.96 -14.71 -23.82
CA LEU K 50 -21.48 -16.09 -23.65
C LEU K 50 -21.96 -16.99 -24.77
N THR K 51 -21.06 -17.82 -25.25
CA THR K 51 -21.46 -18.86 -26.18
C THR K 51 -22.26 -19.95 -25.45
N ALA K 52 -23.09 -20.68 -26.21
CA ALA K 52 -23.88 -21.75 -25.59
C ALA K 52 -22.95 -22.78 -24.93
N GLY K 53 -23.38 -23.30 -23.79
CA GLY K 53 -22.59 -24.28 -23.06
C GLY K 53 -23.05 -24.32 -21.62
N ASN K 54 -22.36 -25.16 -20.84
CA ASN K 54 -22.68 -25.35 -19.44
C ASN K 54 -21.62 -24.65 -18.60
N TYR K 55 -22.06 -23.83 -17.65
CA TYR K 55 -21.21 -22.97 -16.88
C TYR K 55 -21.56 -23.07 -15.40
N GLN K 56 -20.73 -22.45 -14.55
CA GLN K 56 -21.09 -22.33 -13.15
C GLN K 56 -20.38 -21.14 -12.53
N PHE K 57 -21.08 -20.45 -11.64
CA PHE K 57 -20.50 -19.40 -10.80
C PHE K 57 -19.98 -20.01 -9.50
N VAL K 58 -18.82 -19.54 -9.05
CA VAL K 58 -18.22 -19.98 -7.78
C VAL K 58 -17.84 -18.72 -7.02
N GLU K 59 -18.38 -18.55 -5.81
CA GLU K 59 -18.02 -17.37 -5.03
C GLU K 59 -16.55 -17.45 -4.60
N THR K 60 -15.84 -16.33 -4.71
CA THR K 60 -14.44 -16.28 -4.28
C THR K 60 -14.23 -15.34 -3.13
N LYS K 61 -15.10 -14.34 -2.94
CA LYS K 61 -15.05 -13.56 -1.71
C LYS K 61 -16.47 -13.17 -1.31
N ALA K 62 -16.84 -13.50 -0.07
CA ALA K 62 -18.17 -13.10 0.37
C ALA K 62 -18.16 -11.64 0.82
N PRO K 63 -19.32 -10.97 0.76
CA PRO K 63 -19.39 -9.64 1.32
C PRO K 63 -19.04 -9.70 2.78
N SER K 64 -18.38 -8.63 3.21
N SER K 64 -18.43 -8.62 3.24
CA SER K 64 -17.94 -8.52 4.59
CA SER K 64 -17.89 -8.54 4.59
C SER K 64 -19.10 -8.76 5.56
C SER K 64 -19.01 -8.66 5.62
N GLY K 65 -18.89 -9.65 6.51
CA GLY K 65 -19.93 -10.00 7.46
C GLY K 65 -20.65 -11.27 7.10
N TYR K 66 -20.30 -11.89 5.97
CA TYR K 66 -20.93 -13.11 5.50
C TYR K 66 -19.91 -14.23 5.33
N GLN K 67 -20.43 -15.47 5.36
CA GLN K 67 -19.61 -16.68 5.21
C GLN K 67 -19.42 -17.02 3.74
N LEU K 68 -18.20 -17.37 3.36
CA LEU K 68 -17.95 -17.75 1.98
C LEU K 68 -18.58 -19.11 1.71
N ASN K 69 -19.27 -19.25 0.58
CA ASN K 69 -19.81 -20.56 0.17
C ASN K 69 -19.41 -20.77 -1.29
N ALA K 70 -18.38 -21.61 -1.49
CA ALA K 70 -17.80 -21.84 -2.81
C ALA K 70 -18.56 -22.88 -3.65
N ALA K 71 -19.70 -23.40 -3.17
CA ALA K 71 -20.47 -24.38 -3.94
C ALA K 71 -20.83 -23.80 -5.31
N PRO K 72 -20.59 -24.52 -6.40
CA PRO K 72 -20.87 -23.98 -7.74
C PRO K 72 -22.36 -23.79 -7.97
N LEU K 73 -22.70 -22.69 -8.63
N LEU K 73 -22.69 -22.69 -8.64
CA LEU K 73 -24.06 -22.38 -9.06
CA LEU K 73 -24.07 -22.39 -9.06
C LEU K 73 -24.13 -22.60 -10.55
C LEU K 73 -24.15 -22.60 -10.56
N SER K 74 -24.74 -23.72 -10.95
CA SER K 74 -24.76 -24.16 -12.34
C SER K 74 -25.79 -23.44 -13.19
N PHE K 75 -25.47 -23.27 -14.47
CA PHE K 75 -26.46 -22.76 -15.42
C PHE K 75 -26.01 -23.13 -16.84
N THR K 76 -26.95 -23.06 -17.77
CA THR K 76 -26.71 -23.38 -19.17
C THR K 76 -27.13 -22.21 -20.06
N ILE K 77 -26.26 -21.83 -20.99
CA ILE K 77 -26.64 -20.94 -22.10
C ILE K 77 -27.06 -21.85 -23.25
N LYS K 78 -28.34 -21.69 -23.73
CA LYS K 78 -28.75 -22.51 -24.86
C LYS K 78 -28.48 -21.80 -26.17
N PRO K 79 -28.30 -22.57 -27.24
CA PRO K 79 -28.27 -21.98 -28.58
C PRO K 79 -29.53 -21.19 -28.89
N ASN K 80 -29.37 -20.06 -29.57
CA ASN K 80 -30.52 -19.22 -29.93
C ASN K 80 -31.36 -18.87 -28.70
N GLN K 81 -30.69 -18.72 -27.58
CA GLN K 81 -31.31 -18.26 -26.34
C GLN K 81 -32.05 -16.95 -26.59
N THR K 82 -33.26 -16.81 -26.05
CA THR K 82 -33.98 -15.58 -26.24
C THR K 82 -34.26 -14.81 -24.95
N ALA K 83 -33.94 -15.37 -23.80
CA ALA K 83 -34.14 -14.63 -22.56
C ALA K 83 -32.91 -14.83 -21.69
N VAL K 84 -32.61 -13.81 -20.87
CA VAL K 84 -31.48 -13.91 -19.96
C VAL K 84 -31.68 -15.10 -19.01
N VAL K 85 -30.62 -15.80 -18.69
CA VAL K 85 -30.65 -16.80 -17.65
C VAL K 85 -30.34 -16.09 -16.35
N THR K 86 -31.10 -16.34 -15.30
CA THR K 86 -30.93 -15.43 -14.17
C THR K 86 -31.00 -16.20 -12.86
N VAL K 87 -29.84 -16.36 -12.18
CA VAL K 87 -29.66 -17.25 -11.02
C VAL K 87 -29.57 -16.47 -9.70
N ALA K 88 -29.95 -17.14 -8.59
CA ALA K 88 -30.00 -16.47 -7.30
C ALA K 88 -29.02 -17.14 -6.35
N ALA K 89 -28.20 -16.35 -5.67
CA ALA K 89 -27.18 -16.84 -4.74
C ALA K 89 -27.44 -16.18 -3.39
N THR K 90 -27.22 -16.90 -2.30
CA THR K 90 -27.42 -16.32 -0.98
C THR K 90 -26.17 -16.52 -0.13
N ASP K 91 -26.07 -15.74 0.94
CA ASP K 91 -24.92 -15.69 1.85
C ASP K 91 -25.42 -15.73 3.27
N GLU K 92 -24.82 -16.57 4.12
CA GLU K 92 -25.21 -16.63 5.52
C GLU K 92 -24.38 -15.62 6.30
N PRO K 93 -25.00 -14.83 7.18
CA PRO K 93 -24.21 -13.97 8.07
C PRO K 93 -23.25 -14.78 8.95
N VAL K 94 -22.10 -14.19 9.25
CA VAL K 94 -21.21 -14.84 10.22
C VAL K 94 -21.91 -14.87 11.56
N THR K 95 -21.66 -15.93 12.35
CA THR K 95 -22.36 -16.11 13.63
C THR K 95 -21.38 -16.16 14.78
N SER L 1 25.18 -21.55 5.29
CA SER L 1 25.45 -21.10 6.65
C SER L 1 25.72 -19.59 6.66
N THR L 2 26.32 -19.14 7.74
CA THR L 2 26.82 -17.77 7.83
C THR L 2 28.26 -17.90 8.31
N GLY L 3 28.99 -16.79 8.30
CA GLY L 3 30.36 -16.80 8.83
C GLY L 3 30.64 -15.52 9.59
N ASP L 4 31.81 -15.48 10.23
CA ASP L 4 32.20 -14.39 11.10
C ASP L 4 33.46 -13.71 10.56
N VAL L 5 33.64 -12.44 10.96
CA VAL L 5 34.83 -11.68 10.60
C VAL L 5 35.32 -10.92 11.83
N THR L 6 36.63 -10.87 12.01
CA THR L 6 37.23 -10.06 13.07
C THR L 6 38.19 -9.08 12.43
N LEU L 7 38.14 -7.83 12.84
CA LEU L 7 39.12 -6.84 12.42
C LEU L 7 39.98 -6.51 13.64
N THR L 8 41.31 -6.38 13.45
CA THR L 8 42.18 -5.95 14.53
C THR L 8 42.86 -4.65 14.12
N LYS L 9 42.84 -3.64 15.00
CA LYS L 9 43.33 -2.30 14.69
C LYS L 9 44.59 -2.01 15.51
N THR L 10 45.63 -1.52 14.85
CA THR L 10 46.87 -1.17 15.52
C THR L 10 47.38 0.21 15.12
N ASP L 11 48.31 0.70 15.94
CA ASP L 11 49.19 1.83 15.59
C ASP L 11 50.25 1.29 14.64
N ALA L 12 50.35 1.87 13.43
CA ALA L 12 51.22 1.31 12.41
C ALA L 12 52.67 1.29 12.88
N THR L 13 53.05 2.23 13.75
CA THR L 13 54.48 2.33 14.09
C THR L 13 54.89 1.45 15.29
N THR L 14 53.99 1.16 16.22
CA THR L 14 54.30 0.37 17.40
C THR L 14 53.66 -1.01 17.37
N LYS L 15 52.69 -1.23 16.46
CA LYS L 15 51.91 -2.46 16.37
C LYS L 15 51.05 -2.68 17.61
N ALA L 16 50.86 -1.65 18.43
CA ALA L 16 50.02 -1.80 19.60
C ALA L 16 48.54 -1.63 19.21
N ALA L 17 47.70 -2.36 19.91
CA ALA L 17 46.23 -2.32 19.64
C ALA L 17 45.65 -0.98 20.00
N LEU L 18 44.60 -0.57 19.26
CA LEU L 18 43.94 0.71 19.47
C LEU L 18 42.46 0.48 19.70
N ALA L 19 41.95 1.02 20.81
CA ALA L 19 40.51 1.00 21.08
C ALA L 19 39.84 2.22 20.48
N GLY L 20 38.55 2.09 20.15
CA GLY L 20 37.80 3.27 19.79
C GLY L 20 37.87 3.66 18.33
N ALA L 21 38.51 2.87 17.47
CA ALA L 21 38.40 3.11 16.03
C ALA L 21 37.00 2.70 15.60
N VAL L 22 36.35 3.52 14.76
CA VAL L 22 34.95 3.26 14.35
C VAL L 22 34.95 2.92 12.86
N TYR L 23 34.21 1.87 12.49
CA TYR L 23 34.10 1.35 11.13
C TYR L 23 32.65 1.22 10.67
N GLU L 24 32.44 1.36 9.35
CA GLU L 24 31.25 0.87 8.65
C GLU L 24 31.60 -0.47 8.04
N LEU L 25 30.62 -1.35 7.97
CA LEU L 25 30.67 -2.53 7.12
C LEU L 25 29.87 -2.25 5.85
N GLN L 26 30.52 -2.36 4.70
CA GLN L 26 29.85 -2.15 3.42
C GLN L 26 29.84 -3.44 2.61
N ASP L 27 28.87 -3.55 1.68
N ASP L 27 28.88 -3.51 1.69
CA ASP L 27 29.01 -4.60 0.68
CA ASP L 27 28.94 -4.48 0.62
C ASP L 27 30.05 -4.14 -0.35
C ASP L 27 30.08 -4.13 -0.34
N ALA L 28 30.36 -5.03 -1.28
CA ALA L 28 31.42 -4.74 -2.24
C ALA L 28 31.06 -3.59 -3.17
N THR L 29 29.78 -3.22 -3.29
CA THR L 29 29.47 -2.03 -4.06
C THR L 29 29.66 -0.74 -3.26
N GLY L 30 29.96 -0.80 -1.96
CA GLY L 30 30.02 0.41 -1.17
C GLY L 30 28.76 0.72 -0.37
N LYS L 31 27.72 -0.08 -0.52
CA LYS L 31 26.49 0.21 0.22
C LYS L 31 26.70 -0.07 1.70
N VAL L 32 26.36 0.89 2.57
CA VAL L 32 26.63 0.69 4.00
C VAL L 32 25.57 -0.25 4.57
N LEU L 33 26.03 -1.38 5.14
CA LEU L 33 25.15 -2.35 5.80
C LEU L 33 25.09 -2.22 7.32
N LYS L 34 26.20 -1.88 7.99
CA LYS L 34 26.25 -1.67 9.42
C LYS L 34 27.18 -0.50 9.68
N MET L 35 26.91 0.24 10.75
CA MET L 35 27.83 1.34 11.09
C MET L 35 28.11 1.34 12.58
N GLY L 36 29.14 2.07 12.99
CA GLY L 36 29.40 2.27 14.39
C GLY L 36 30.14 1.15 15.05
N LEU L 37 30.74 0.25 14.26
CA LEU L 37 31.48 -0.89 14.81
C LEU L 37 32.78 -0.38 15.37
N THR L 38 33.07 -0.68 16.64
CA THR L 38 34.10 0.06 17.37
C THR L 38 35.08 -0.94 18.02
N THR L 39 36.39 -0.71 17.85
CA THR L 39 37.37 -1.65 18.42
C THR L 39 37.45 -1.53 19.95
N ASP L 40 37.67 -2.67 20.60
CA ASP L 40 37.76 -2.74 22.04
C ASP L 40 39.24 -2.62 22.46
N THR L 41 39.56 -2.81 23.74
CA THR L 41 40.96 -2.56 24.20
C THR L 41 41.98 -3.58 23.64
N THR L 42 41.54 -4.71 23.08
CA THR L 42 42.48 -5.54 22.34
C THR L 42 42.58 -5.16 20.90
N GLY L 43 42.02 -4.02 20.51
CA GLY L 43 42.02 -3.57 19.14
C GLY L 43 41.08 -4.29 18.21
N GLN L 44 40.17 -5.12 18.74
CA GLN L 44 39.35 -6.00 17.91
C GLN L 44 37.88 -5.58 17.89
N LEU L 45 37.25 -5.88 16.75
CA LEU L 45 35.78 -5.93 16.64
C LEU L 45 35.44 -7.15 15.82
N THR L 46 34.27 -7.75 16.07
CA THR L 46 33.88 -8.96 15.36
C THR L 46 32.44 -8.76 14.90
N VAL L 47 32.13 -9.17 13.69
CA VAL L 47 30.73 -9.23 13.23
C VAL L 47 30.44 -10.70 12.96
N SER L 48 29.39 -11.23 13.57
N SER L 48 29.36 -11.21 13.53
CA SER L 48 29.02 -12.61 13.35
CA SER L 48 29.03 -12.62 13.38
C SER L 48 27.80 -12.70 12.44
C SER L 48 27.68 -12.82 12.70
N GLY L 49 27.54 -13.91 11.95
CA GLY L 49 26.29 -14.22 11.27
C GLY L 49 26.13 -13.58 9.91
N LEU L 50 27.25 -13.25 9.24
CA LEU L 50 27.20 -12.68 7.89
C LEU L 50 26.94 -13.77 6.86
N THR L 51 26.02 -13.49 5.94
CA THR L 51 25.83 -14.40 4.82
C THR L 51 27.02 -14.32 3.87
N ALA L 52 27.20 -15.38 3.08
CA ALA L 52 28.34 -15.42 2.17
C ALA L 52 28.25 -14.25 1.18
N GLY L 53 29.41 -13.66 0.88
CA GLY L 53 29.46 -12.58 -0.07
C GLY L 53 30.75 -11.77 0.06
N ASN L 54 30.82 -10.68 -0.69
CA ASN L 54 31.99 -9.82 -0.73
C ASN L 54 31.69 -8.54 0.02
N TYR L 55 32.56 -8.20 0.98
CA TYR L 55 32.33 -7.09 1.89
C TYR L 55 33.56 -6.20 1.98
N GLN L 56 33.41 -5.08 2.70
CA GLN L 56 34.59 -4.29 3.03
C GLN L 56 34.34 -3.46 4.27
N PHE L 57 35.39 -3.32 5.09
CA PHE L 57 35.35 -2.39 6.21
C PHE L 57 35.88 -1.04 5.75
N VAL L 58 35.27 0.03 6.24
CA VAL L 58 35.73 1.38 5.94
C VAL L 58 35.75 2.15 7.25
N GLU L 59 36.91 2.68 7.62
CA GLU L 59 37.04 3.44 8.86
C GLU L 59 36.30 4.76 8.75
N THR L 60 35.50 5.08 9.77
CA THR L 60 34.75 6.33 9.79
C THR L 60 35.26 7.28 10.84
N LYS L 61 35.93 6.79 11.89
CA LYS L 61 36.60 7.70 12.84
C LYS L 61 37.85 7.02 13.34
N ALA L 62 39.01 7.65 13.16
CA ALA L 62 40.23 7.07 13.71
C ALA L 62 40.35 7.38 15.20
N PRO L 63 41.10 6.57 15.94
CA PRO L 63 41.34 6.90 17.35
C PRO L 63 42.04 8.24 17.47
N SER L 64 41.74 8.93 18.58
CA SER L 64 42.34 10.24 18.82
C SER L 64 43.86 10.14 18.76
N GLY L 65 44.50 11.05 18.02
CA GLY L 65 45.95 11.02 17.80
C GLY L 65 46.36 10.33 16.51
N TYR L 66 45.40 9.83 15.71
CA TYR L 66 45.67 9.06 14.50
C TYR L 66 44.96 9.68 13.31
N GLN L 67 45.53 9.44 12.13
CA GLN L 67 44.96 9.93 10.87
C GLN L 67 43.90 8.97 10.35
N LEU L 68 42.74 9.52 9.95
CA LEU L 68 41.73 8.70 9.32
C LEU L 68 42.21 8.18 7.97
N ASN L 69 42.00 6.90 7.71
CA ASN L 69 42.32 6.28 6.43
C ASN L 69 41.07 5.50 6.04
N ALA L 70 40.28 6.07 5.11
CA ALA L 70 38.99 5.46 4.74
C ALA L 70 39.11 4.44 3.62
N ALA L 71 40.32 4.03 3.25
CA ALA L 71 40.50 3.01 2.21
C ALA L 71 39.81 1.71 2.62
N PRO L 72 39.01 1.11 1.74
CA PRO L 72 38.26 -0.09 2.10
C PRO L 72 39.22 -1.26 2.32
N LEU L 73 38.89 -2.07 3.33
N LEU L 73 38.89 -2.07 3.33
CA LEU L 73 39.59 -3.32 3.63
CA LEU L 73 39.59 -3.33 3.66
C LEU L 73 38.64 -4.45 3.24
C LEU L 73 38.65 -4.47 3.26
N SER L 74 38.91 -5.06 2.10
CA SER L 74 38.02 -6.06 1.52
C SER L 74 38.16 -7.44 2.16
N PHE L 75 37.04 -8.17 2.21
CA PHE L 75 37.09 -9.56 2.63
C PHE L 75 35.89 -10.28 2.05
N THR L 76 36.03 -11.60 1.96
CA THR L 76 34.95 -12.47 1.49
C THR L 76 34.56 -13.46 2.58
N ILE L 77 33.27 -13.59 2.82
CA ILE L 77 32.69 -14.71 3.55
C ILE L 77 32.35 -15.79 2.54
N LYS L 78 32.92 -16.99 2.71
CA LYS L 78 32.63 -18.06 1.77
C LYS L 78 31.44 -18.90 2.23
N PRO L 79 30.77 -19.57 1.30
CA PRO L 79 29.73 -20.54 1.69
C PRO L 79 30.33 -21.67 2.51
N ASN L 80 29.61 -22.10 3.54
CA ASN L 80 30.10 -23.18 4.41
C ASN L 80 31.49 -22.88 4.97
N GLN L 81 31.72 -21.60 5.25
CA GLN L 81 32.96 -21.18 5.89
C GLN L 81 33.12 -21.83 7.26
N THR L 82 34.30 -22.39 7.52
CA THR L 82 34.54 -23.09 8.78
C THR L 82 35.48 -22.36 9.71
N ALA L 83 36.12 -21.28 9.27
CA ALA L 83 36.94 -20.51 10.17
C ALA L 83 36.64 -19.03 10.01
N VAL L 84 36.90 -18.29 11.08
CA VAL L 84 36.73 -16.83 11.06
C VAL L 84 37.65 -16.18 10.02
N VAL L 85 37.13 -15.17 9.34
CA VAL L 85 37.97 -14.33 8.48
C VAL L 85 38.53 -13.21 9.34
N THR L 86 39.83 -13.02 9.25
N THR L 86 39.82 -12.90 9.24
CA THR L 86 40.46 -12.01 10.06
CA THR L 86 40.34 -12.02 10.31
C THR L 86 41.05 -10.98 9.13
C THR L 86 41.41 -11.10 9.72
N VAL L 87 41.06 -9.77 9.60
CA VAL L 87 41.70 -8.71 8.82
C VAL L 87 42.41 -7.75 9.78
N ALA L 88 43.50 -7.16 9.28
CA ALA L 88 44.35 -6.30 10.07
C ALA L 88 44.28 -4.91 9.46
N ALA L 89 43.97 -3.92 10.30
CA ALA L 89 43.94 -2.53 9.91
C ALA L 89 44.94 -1.77 10.76
N THR L 90 45.60 -0.77 10.18
CA THR L 90 46.59 0.03 10.89
C THR L 90 46.28 1.51 10.75
N ASP L 91 46.81 2.29 11.69
CA ASP L 91 46.56 3.73 11.78
C ASP L 91 47.86 4.46 11.98
N GLU L 92 48.06 5.55 11.19
CA GLU L 92 49.30 6.34 11.32
C GLU L 92 49.09 7.44 12.34
N PRO L 93 50.02 7.65 13.27
CA PRO L 93 49.91 8.80 14.17
C PRO L 93 49.87 10.10 13.38
N VAL L 94 49.16 11.08 13.94
CA VAL L 94 49.13 12.37 13.30
C VAL L 94 50.52 13.00 13.41
N THR L 95 50.80 13.88 12.47
CA THR L 95 51.99 14.72 12.49
C THR L 95 51.89 15.84 13.54
C1 GOL M . -13.13 -6.42 -25.64
O1 GOL M . -12.52 -6.44 -26.97
C2 GOL M . -12.87 -7.76 -24.97
O2 GOL M . -11.62 -7.73 -24.38
C3 GOL M . -14.08 -8.06 -23.97
O3 GOL M . -14.00 -9.49 -23.44
C1 GOL N . -7.85 -15.49 -42.85
O1 GOL N . -7.92 -15.62 -44.23
C2 GOL N . -8.46 -16.77 -42.19
O2 GOL N . -8.08 -16.81 -40.87
C3 GOL N . -10.00 -16.66 -42.27
O3 GOL N . -10.53 -17.92 -41.70
C1 GOL O . 20.66 9.04 46.91
O1 GOL O . 20.72 9.37 45.54
C2 GOL O . 20.88 10.32 47.76
O2 GOL O . 20.03 10.27 48.84
C3 GOL O . 22.42 10.32 48.23
O3 GOL O . 22.71 11.41 49.24
C1 GOL P . 4.62 14.82 5.24
O1 GOL P . 4.71 15.62 4.06
C2 GOL P . 5.66 13.59 5.06
O2 GOL P . 5.32 12.69 4.04
C3 GOL P . 7.07 14.19 4.89
O3 GOL P . 7.94 13.06 4.69
C1 GOL Q . 6.05 11.39 17.56
O1 GOL Q . 4.62 11.66 17.72
C2 GOL Q . 6.30 10.38 16.37
O2 GOL Q . 7.62 10.07 16.25
C3 GOL Q . 5.36 9.15 16.54
O3 GOL Q . 5.42 8.31 15.38
C1 GOL R . 20.10 2.26 23.04
O1 GOL R . 19.67 1.82 21.65
C2 GOL R . 21.49 1.68 23.63
O2 GOL R . 22.62 2.42 23.27
C3 GOL R . 21.35 1.65 25.22
O3 GOL R . 21.85 2.86 25.91
C1 GOL S . 25.35 19.42 30.19
O1 GOL S . 26.04 20.27 31.25
C2 GOL S . 23.79 19.48 30.37
O2 GOL S . 23.40 20.64 30.95
C3 GOL S . 23.03 19.16 28.95
O3 GOL S . 23.66 19.77 27.73
C1 GOL T . 14.39 19.43 31.27
O1 GOL T . 13.18 18.73 31.23
C2 GOL T . 15.36 18.74 32.11
O2 GOL T . 16.63 19.07 31.71
C3 GOL T . 15.23 19.33 33.44
O3 GOL T . 16.53 19.93 33.65
C1 GOL U . -9.50 35.52 -4.23
O1 GOL U . -8.00 35.85 -3.97
C2 GOL U . -9.99 34.08 -3.73
O2 GOL U . -9.56 33.67 -2.45
C3 GOL U . -11.56 33.96 -3.96
O3 GOL U . -12.38 34.31 -2.80
C1 GOL V . -20.51 46.82 8.17
O1 GOL V . -19.41 47.80 7.97
C2 GOL V . -19.96 45.65 8.98
O2 GOL V . -19.31 45.97 10.17
C3 GOL V . -21.15 44.72 9.17
O3 GOL V . -22.23 45.35 9.80
S SO4 W . -19.61 28.92 0.37
O1 SO4 W . -18.65 28.03 1.01
O2 SO4 W . -18.94 29.76 -0.63
O3 SO4 W . -20.63 28.14 -0.33
O4 SO4 W . -20.28 29.77 1.36
C1 GOL X . -11.38 0.91 -49.72
O1 GOL X . -10.53 1.95 -50.21
C2 GOL X . -11.86 1.23 -48.24
O2 GOL X . -12.64 2.35 -48.24
C3 GOL X . -12.72 -0.02 -47.82
O3 GOL X . -12.92 -0.02 -46.39
C1 GOL Y . -0.27 -12.51 -39.62
O1 GOL Y . 0.47 -11.33 -39.39
C2 GOL Y . -1.64 -12.36 -39.05
O2 GOL Y . -2.52 -13.24 -39.66
C3 GOL Y . -1.50 -12.70 -37.61
O3 GOL Y . -2.33 -13.88 -37.43
C1 GOL Z . 18.24 -9.36 16.60
O1 GOL Z . 16.88 -9.89 16.42
C2 GOL Z . 18.63 -8.47 15.36
O2 GOL Z . 17.96 -7.26 15.50
C3 GOL Z . 20.23 -8.33 15.35
O3 GOL Z . 20.88 -8.00 14.00
C1 GOL AA . 9.43 -7.42 0.64
O1 GOL AA . 8.68 -6.29 1.16
C2 GOL AA . 8.71 -8.61 1.20
O2 GOL AA . 7.29 -8.53 0.99
C3 GOL AA . 9.42 -9.87 0.63
O3 GOL AA . 8.35 -10.88 0.63
C1 GOL BA . 8.69 -11.81 -4.63
O1 GOL BA . 8.02 -12.73 -5.32
C2 GOL BA . 8.69 -12.26 -3.22
O2 GOL BA . 9.94 -12.94 -2.72
C3 GOL BA . 8.35 -11.00 -2.59
O3 GOL BA . 7.30 -11.31 -1.77
C1 GOL CA . 20.83 -0.12 14.40
O1 GOL CA . 21.62 0.80 13.55
C2 GOL CA . 21.30 -0.17 15.95
O2 GOL CA . 20.96 0.98 16.78
C3 GOL CA . 20.88 -1.63 16.51
O3 GOL CA . 19.46 -1.71 16.84
C1 GOL DA . 4.55 -18.00 5.05
O1 GOL DA . 3.36 -18.73 4.77
C2 GOL DA . 5.30 -17.89 3.77
O2 GOL DA . 5.47 -16.56 3.43
C3 GOL DA . 6.61 -18.60 4.06
O3 GOL DA . 7.46 -18.54 2.88
S SO4 EA . 2.88 -3.53 3.03
O1 SO4 EA . 4.20 -3.98 3.51
O2 SO4 EA . 2.11 -4.44 3.86
O3 SO4 EA . 2.60 -2.12 3.24
O4 SO4 EA . 2.62 -3.54 1.59
C1 GOL FA . 2.79 -25.44 21.08
O1 GOL FA . 3.50 -24.75 20.04
C2 GOL FA . 1.42 -25.82 20.49
O2 GOL FA . 1.62 -26.91 19.65
C3 GOL FA . 0.42 -26.04 21.75
O3 GOL FA . -1.05 -26.10 21.38
C1 GOL GA . -5.70 -19.39 5.80
O1 GOL GA . -5.16 -18.86 4.60
C2 GOL GA . -5.53 -18.22 6.81
O2 GOL GA . -4.18 -17.72 6.73
C3 GOL GA . -6.03 -18.75 8.29
O3 GOL GA . -5.38 -20.03 8.67
C1 GOL HA . 6.91 -1.52 -5.07
O1 GOL HA . 7.39 -0.29 -4.52
C2 GOL HA . 6.87 -2.45 -3.85
O2 GOL HA . 6.07 -1.93 -2.81
C3 GOL HA . 6.36 -3.78 -4.36
O3 GOL HA . 5.24 -4.07 -3.48
C1 GOL IA . 13.37 -5.58 -8.56
O1 GOL IA . 12.79 -4.54 -7.83
C2 GOL IA . 12.91 -7.00 -8.03
O2 GOL IA . 12.87 -7.86 -9.05
C3 GOL IA . 14.06 -7.48 -7.00
O3 GOL IA . 13.77 -8.87 -6.55
C1 GOL JA . -9.94 -10.53 -13.52
O1 GOL JA . -10.11 -9.19 -13.28
C2 GOL JA . -10.10 -11.17 -15.05
O2 GOL JA . -11.44 -11.75 -15.47
C3 GOL JA . -9.54 -10.12 -15.98
O3 GOL JA . -8.62 -10.69 -16.71
S SO4 KA . 11.49 -1.41 -5.39
O1 SO4 KA . 12.91 -1.57 -4.93
O2 SO4 KA . 11.15 -2.69 -5.99
O3 SO4 KA . 11.25 -0.40 -6.51
O4 SO4 KA . 10.55 -1.21 -4.26
C1 GOL LA . -8.49 1.09 -14.40
O1 GOL LA . -8.10 1.93 -13.22
C2 GOL LA . -8.09 -0.49 -14.28
O2 GOL LA . -9.10 -1.14 -13.54
C3 GOL LA . -7.95 -1.07 -15.81
O3 GOL LA . -6.95 -2.27 -16.01
C1 GOL MA . -43.27 -2.97 -12.81
O1 GOL MA . -42.21 -3.74 -12.25
C2 GOL MA . -44.56 -3.60 -12.37
O2 GOL MA . -45.04 -2.88 -11.29
C3 GOL MA . -45.47 -3.66 -13.69
O3 GOL MA . -46.77 -4.52 -13.57
C1 GOL NA . -43.73 -19.51 -4.84
O1 GOL NA . -43.22 -19.43 -3.53
C2 GOL NA . -42.75 -20.36 -5.72
O2 GOL NA . -42.58 -19.83 -6.99
C3 GOL NA . -41.40 -20.35 -5.06
O3 GOL NA . -40.51 -20.55 -6.16
C1 GOL OA . -29.48 -26.93 -10.41
O1 GOL OA . -28.82 -26.94 -11.64
C2 GOL OA . -28.72 -25.90 -9.55
O2 GOL OA . -29.34 -25.62 -8.37
C3 GOL OA . -27.23 -26.37 -9.41
O3 GOL OA . -26.50 -25.25 -8.96
S SO4 PA . -40.86 -17.99 1.34
O1 SO4 PA . -40.94 -19.16 0.49
O2 SO4 PA . -39.63 -18.06 2.14
O3 SO4 PA . -42.02 -17.90 2.22
O4 SO4 PA . -40.83 -16.80 0.51
C1 GOL QA . -13.47 -7.54 7.19
O1 GOL QA . -12.01 -7.59 7.61
C2 GOL QA . -13.96 -8.97 6.59
O2 GOL QA . -15.24 -9.03 6.25
C3 GOL QA . -12.92 -9.50 5.51
O3 GOL QA . -13.48 -9.68 4.28
C1 GOL RA . -18.97 -6.48 -12.29
O1 GOL RA . -17.60 -6.98 -11.94
C2 GOL RA . -19.46 -6.75 -13.79
O2 GOL RA . -19.57 -8.09 -14.16
C3 GOL RA . -20.81 -6.02 -13.94
O3 GOL RA . -21.96 -6.92 -13.91
C1 GOL SA . 31.90 -5.54 18.82
O1 GOL SA . 32.93 -6.39 18.27
C2 GOL SA . 31.52 -4.45 17.80
O2 GOL SA . 30.76 -5.09 16.77
C3 GOL SA . 30.71 -3.34 18.66
O3 GOL SA . 30.78 -1.93 18.13
C TRS TA . 24.56 -2.49 14.22
C1 TRS TA . 25.35 -1.62 13.23
C2 TRS TA . 25.45 -3.47 15.00
C3 TRS TA . 23.48 -3.22 13.35
N TRS TA . 24.01 -1.63 15.32
O1 TRS TA . 24.57 -0.67 12.42
O2 TRS TA . 26.10 -4.43 14.18
O3 TRS TA . 22.36 -3.66 14.07
C1 GOL UA . 51.21 -6.84 11.80
O1 GOL UA . 52.73 -6.86 11.72
C2 GOL UA . 50.64 -5.36 11.68
O2 GOL UA . 49.41 -5.38 11.06
C3 GOL UA . 50.55 -4.75 13.13
O3 GOL UA . 50.50 -3.26 13.01
C1 GOL VA . 44.05 -0.20 7.39
O1 GOL VA . 45.43 -0.60 7.12
C2 GOL VA . 43.63 1.09 6.82
O2 GOL VA . 43.03 0.84 5.53
C3 GOL VA . 42.65 1.76 8.04
O3 GOL VA . 41.29 1.11 8.17
#